data_4CTA
#
_entry.id   4CTA
#
_cell.length_a   74.590
_cell.length_b   93.770
_cell.length_c   131.790
_cell.angle_alpha   90.00
_cell.angle_beta   90.00
_cell.angle_gamma   90.00
#
_symmetry.space_group_name_H-M   'P 21 21 21'
#
loop_
_entity.id
_entity.type
_entity.pdbx_description
1 polymer 'CINA-LIKE PROTEIN'
2 polymer 'CINA-LIKE PROTEIN'
3 non-polymer "ADENOSINE-5'-TRIPHOSPHATE"
4 non-polymer GLYCEROL
5 non-polymer 'SULFATE ION'
6 non-polymer 'SODIUM ION'
7 non-polymer 'MAGNESIUM ION'
8 water water
#
loop_
_entity_poly.entity_id
_entity_poly.type
_entity_poly.pdbx_seq_one_letter_code
_entity_poly.pdbx_strand_id
1 'polypeptide(L)'
;MERAEILGVGTELLYGETLDTNTAEIARSLKPYALKVERTLRVADEVAPLAREVEEAFARARLVVLSGGLGPTPDDVTRE
AVALALGEPLELDEAVLGEIEAFFRARGRAMPEANRKQAMRIPSATWLKNPRGTAPGWWVRKGGKDLVLLPGPPPEWRPM
WQEVLPRLGLPRRPYAERVLKTWGIGESEIVERLGPLFVREEEEEVGTYPKVHGVEVVVRGREDRVAELAERIKKKLLKE
VWGEGEMTLAEAVKRRMEREGATLSTMESLTGGLLGAEITRVPGASRFYLGGVVSYSVGAKARFGVPQDLLSRTVSAETA
RAMAEAARSLFGSTYALATTGVAGPDPLEGEPPGTVYVALAGPTGAEVRRYRFPGDRETVRLRSVYAALALLVT
;
A
2 'polypeptide(L)'
;MERAEILGVGTELLYGETLDTNTAEIARSLKPYALKVERTLRVADEVAPLAREVEEAFARARLVVLSGGLGPTPDDVTRE
AVALALGEPLELDEAVLGEIEAFFRARGRAMPEANRKQAMRIPSATWLKNPRGTAPGWWVRKGGKDLVLLPGPPPEWRPM
WQEVLPRLGLPRRPYAERVLKTWGIGESEIVERLGPLFVREEEVEVGTYPKVHGVEVVVRGREDRVAELAERIKKKLLKE
VWGEGEMTLAEAVKRRMEREGATLSTMESLTGGLLGAEITRVPGASRFYLGGVVSYSVGAKARFGVPQDLLSRTVSAETA
RAMAEAARSLFGSTYALATTGVAGPDPLEGEPPGTVYVALAGPTGAEVRRYRFPGDRETVRLRSVYAALALLVT
;
B
#
loop_
_chem_comp.id
_chem_comp.type
_chem_comp.name
_chem_comp.formula
ATP non-polymer ADENOSINE-5'-TRIPHOSPHATE 'C10 H16 N5 O13 P3'
GOL non-polymer GLYCEROL 'C3 H8 O3'
MG non-polymer 'MAGNESIUM ION' 'Mg 2'
NA non-polymer 'SODIUM ION' 'Na 1'
SO4 non-polymer 'SULFATE ION' 'O4 S -2'
#
# COMPACT_ATOMS: atom_id res chain seq x y z
N MET A 1 19.46 -11.92 24.45
CA MET A 1 17.97 -12.13 24.42
C MET A 1 17.56 -13.17 23.38
N GLU A 2 16.71 -14.11 23.80
CA GLU A 2 16.38 -15.31 23.04
C GLU A 2 15.36 -15.04 21.93
N ARG A 3 15.40 -15.87 20.89
CA ARG A 3 14.65 -15.63 19.64
C ARG A 3 13.26 -16.24 19.60
N ALA A 4 12.34 -15.54 18.91
CA ALA A 4 11.05 -16.10 18.48
C ALA A 4 10.99 -16.11 16.96
N GLU A 5 10.71 -17.27 16.35
CA GLU A 5 10.53 -17.36 14.92
C GLU A 5 9.06 -17.56 14.62
N ILE A 6 8.62 -17.20 13.42
CA ILE A 6 7.19 -17.15 13.08
C ILE A 6 7.15 -17.49 11.63
N LEU A 7 6.40 -18.52 11.29
CA LEU A 7 6.34 -19.03 9.92
C LEU A 7 4.87 -19.06 9.49
N GLY A 8 4.53 -18.38 8.39
CA GLY A 8 3.23 -18.59 7.76
C GLY A 8 3.39 -19.59 6.62
N VAL A 9 2.49 -20.58 6.56
CA VAL A 9 2.57 -21.69 5.60
C VAL A 9 1.46 -21.58 4.53
N GLY A 10 1.85 -21.66 3.27
CA GLY A 10 0.91 -21.50 2.16
C GLY A 10 1.52 -20.82 0.93
N THR A 11 1.51 -21.52 -0.19
CA THR A 11 2.12 -21.05 -1.41
C THR A 11 1.52 -19.70 -1.78
N GLU A 12 0.22 -19.55 -1.53
CA GLU A 12 -0.47 -18.34 -1.89
C GLU A 12 -0.05 -17.09 -1.07
N LEU A 13 0.70 -17.29 0.01
CA LEU A 13 1.18 -16.18 0.85
C LEU A 13 2.48 -15.61 0.24
N LEU A 14 3.23 -16.47 -0.43
CA LEU A 14 4.43 -16.07 -1.16
C LEU A 14 4.08 -15.11 -2.27
N TYR A 15 3.06 -15.45 -3.05
CA TYR A 15 2.59 -14.64 -4.18
C TYR A 15 1.63 -13.55 -3.76
N GLY A 16 1.39 -13.39 -2.45
CA GLY A 16 0.32 -12.45 -2.03
C GLY A 16 -1.08 -12.74 -2.59
N GLU A 17 -1.33 -13.91 -3.19
CA GLU A 17 -2.72 -14.30 -3.50
C GLU A 17 -3.61 -14.20 -2.25
N THR A 18 -3.08 -14.62 -1.10
CA THR A 18 -3.68 -14.22 0.15
C THR A 18 -2.69 -13.45 0.97
N LEU A 19 -3.16 -12.33 1.47
CA LEU A 19 -2.32 -11.36 2.14
C LEU A 19 -1.94 -11.83 3.57
N ASP A 20 -0.63 -12.01 3.84
CA ASP A 20 -0.12 -12.54 5.12
C ASP A 20 -0.11 -11.53 6.22
N THR A 21 -1.17 -11.52 7.00
CA THR A 21 -1.21 -10.62 8.11
C THR A 21 -1.02 -11.43 9.40
N ASN A 22 -1.12 -12.77 9.30
CA ASN A 22 -0.88 -13.65 10.45
C ASN A 22 0.49 -13.45 11.06
N THR A 23 1.57 -13.56 10.28
CA THR A 23 2.89 -13.54 10.89
C THR A 23 3.08 -12.20 11.60
N ALA A 24 2.48 -11.13 11.07
CA ALA A 24 2.68 -9.82 11.71
C ALA A 24 1.81 -9.68 12.99
N GLU A 25 0.55 -10.12 12.93
CA GLU A 25 -0.28 -10.08 14.11
C GLU A 25 0.41 -10.97 15.24
N ILE A 26 0.94 -12.12 14.86
CA ILE A 26 1.63 -12.92 15.90
C ILE A 26 2.82 -12.18 16.46
N ALA A 27 3.70 -11.69 15.58
CA ALA A 27 4.83 -10.91 16.06
C ALA A 27 4.43 -9.82 17.01
N ARG A 28 3.32 -9.11 16.72
CA ARG A 28 2.89 -7.98 17.59
C ARG A 28 2.44 -8.50 18.98
N SER A 29 1.74 -9.63 18.99
CA SER A 29 1.25 -10.19 20.29
C SER A 29 2.46 -10.57 21.21
N LEU A 30 3.62 -10.81 20.61
CA LEU A 30 4.83 -11.19 21.34
C LEU A 30 5.58 -10.04 21.99
N LYS A 31 5.03 -8.84 21.82
CA LYS A 31 5.69 -7.65 22.29
C LYS A 31 5.91 -7.62 23.78
N PRO A 32 4.93 -8.08 24.57
CA PRO A 32 5.12 -7.90 26.00
C PRO A 32 6.11 -8.88 26.59
N TYR A 33 6.86 -9.61 25.72
CA TYR A 33 7.82 -10.71 26.08
C TYR A 33 9.21 -10.41 25.58
N ALA A 34 10.20 -10.65 26.46
CA ALA A 34 11.63 -10.50 26.15
C ALA A 34 12.12 -11.52 25.14
N LEU A 35 11.47 -11.55 23.97
CA LEU A 35 12.03 -12.24 22.81
C LEU A 35 12.31 -11.33 21.60
N LYS A 36 13.38 -11.64 20.88
CA LYS A 36 13.79 -10.88 19.71
C LYS A 36 13.19 -11.61 18.50
N VAL A 37 12.36 -10.91 17.73
CA VAL A 37 11.90 -11.42 16.44
C VAL A 37 12.84 -10.81 15.38
N GLU A 38 13.66 -11.63 14.75
CA GLU A 38 14.70 -11.17 13.82
C GLU A 38 14.23 -11.33 12.40
N ARG A 39 13.23 -12.19 12.21
CA ARG A 39 12.71 -12.50 10.85
C ARG A 39 11.35 -13.14 10.98
N THR A 40 10.57 -13.12 9.89
CA THR A 40 9.31 -13.85 9.76
C THR A 40 9.41 -14.50 8.39
N LEU A 41 8.80 -15.67 8.21
CA LEU A 41 8.97 -16.43 6.98
C LEU A 41 7.59 -16.75 6.39
N ARG A 42 7.52 -16.89 5.07
CA ARG A 42 6.37 -17.48 4.45
C ARG A 42 6.95 -18.65 3.72
N VAL A 43 6.24 -19.77 3.73
CA VAL A 43 6.77 -20.99 3.12
C VAL A 43 5.73 -21.70 2.33
N ALA A 44 6.14 -22.14 1.15
CA ALA A 44 5.37 -23.05 0.28
C ALA A 44 4.78 -24.30 0.98
N ASP A 45 3.58 -24.74 0.58
CA ASP A 45 3.02 -26.04 1.03
C ASP A 45 3.76 -27.19 0.36
N GLU A 46 4.96 -27.48 0.87
CA GLU A 46 5.80 -28.56 0.38
C GLU A 46 6.60 -29.13 1.57
N VAL A 47 6.44 -30.43 1.74
CA VAL A 47 6.82 -31.10 2.97
C VAL A 47 8.32 -31.02 3.25
N ALA A 48 9.19 -31.28 2.26
CA ALA A 48 10.64 -31.29 2.50
C ALA A 48 11.20 -29.86 2.82
N PRO A 49 10.84 -28.87 2.01
CA PRO A 49 11.22 -27.48 2.36
C PRO A 49 10.74 -26.98 3.73
N LEU A 50 9.44 -27.15 4.02
CA LEU A 50 8.90 -26.69 5.27
C LEU A 50 9.60 -27.34 6.45
N ALA A 51 9.87 -28.65 6.34
CA ALA A 51 10.63 -29.42 7.36
C ALA A 51 11.97 -28.80 7.67
N ARG A 52 12.76 -28.52 6.63
CA ARG A 52 14.06 -27.91 6.83
C ARG A 52 13.93 -26.54 7.50
N GLU A 53 12.90 -25.76 7.14
CA GLU A 53 12.71 -24.43 7.76
C GLU A 53 12.31 -24.56 9.23
N VAL A 54 11.46 -25.55 9.55
CA VAL A 54 11.01 -25.73 10.94
C VAL A 54 12.21 -26.15 11.79
N GLU A 55 13.05 -26.99 11.21
CA GLU A 55 14.22 -27.55 11.81
C GLU A 55 15.22 -26.48 12.13
N GLU A 56 15.50 -25.62 11.14
CA GLU A 56 16.46 -24.51 11.34
C GLU A 56 15.88 -23.56 12.40
N ALA A 57 14.60 -23.20 12.24
CA ALA A 57 13.94 -22.30 13.20
C ALA A 57 14.06 -22.83 14.61
N PHE A 58 13.71 -24.11 14.77
CA PHE A 58 13.63 -24.75 16.12
C PHE A 58 15.00 -24.79 16.78
N ALA A 59 16.03 -25.08 15.98
CA ALA A 59 17.44 -25.03 16.39
C ALA A 59 17.86 -23.70 17.03
N ARG A 60 17.37 -22.57 16.51
CA ARG A 60 17.77 -21.23 16.97
C ARG A 60 16.76 -20.48 17.87
N ALA A 61 15.57 -21.04 18.04
CA ALA A 61 14.57 -20.27 18.76
C ALA A 61 14.18 -20.87 20.11
N ARG A 62 13.83 -19.99 21.06
CA ARG A 62 13.08 -20.32 22.25
C ARG A 62 11.58 -20.54 21.96
N LEU A 63 11.06 -19.96 20.86
CA LEU A 63 9.62 -20.14 20.45
C LEU A 63 9.51 -20.17 18.94
N VAL A 64 8.73 -21.10 18.42
CA VAL A 64 8.49 -21.21 16.99
C VAL A 64 6.99 -21.32 16.86
N VAL A 65 6.37 -20.39 16.08
CA VAL A 65 4.89 -20.37 15.82
C VAL A 65 4.64 -20.56 14.33
N LEU A 66 3.89 -21.59 13.97
CA LEU A 66 3.47 -21.79 12.60
C LEU A 66 2.00 -21.56 12.52
N SER A 67 1.61 -21.06 11.34
CA SER A 67 0.28 -20.66 10.98
C SER A 67 -0.07 -21.35 9.70
N GLY A 68 -1.22 -22.03 9.67
CA GLY A 68 -1.74 -22.59 8.43
C GLY A 68 -1.19 -23.94 8.00
N GLY A 69 -1.80 -24.51 6.97
CA GLY A 69 -1.44 -25.82 6.48
C GLY A 69 -2.01 -26.95 7.34
N LEU A 70 -3.06 -26.65 8.10
CA LEU A 70 -3.72 -27.64 8.97
C LEU A 70 -5.03 -28.22 8.38
N GLY A 71 -5.30 -27.96 7.10
CA GLY A 71 -6.50 -28.46 6.44
C GLY A 71 -6.45 -29.95 6.10
N PRO A 72 -7.37 -30.42 5.24
CA PRO A 72 -7.48 -31.82 4.83
C PRO A 72 -6.84 -32.20 3.48
N THR A 73 -6.43 -31.22 2.68
CA THR A 73 -5.90 -31.42 1.30
C THR A 73 -4.47 -31.98 1.22
N PRO A 74 -4.09 -32.61 0.07
CA PRO A 74 -2.66 -32.99 -0.15
C PRO A 74 -1.71 -31.78 -0.06
N ASP A 75 -2.25 -30.57 -0.11
CA ASP A 75 -1.48 -29.33 0.07
C ASP A 75 -1.52 -28.75 1.49
N ASP A 76 -2.14 -29.46 2.43
CA ASP A 76 -2.04 -29.11 3.86
C ASP A 76 -1.08 -30.11 4.49
N VAL A 77 0.16 -29.67 4.75
CA VAL A 77 1.23 -30.63 5.09
C VAL A 77 2.06 -30.25 6.31
N THR A 78 1.59 -29.26 7.05
CA THR A 78 2.34 -28.73 8.20
C THR A 78 2.67 -29.79 9.28
N ARG A 79 1.69 -30.62 9.60
CA ARG A 79 1.85 -31.70 10.59
C ARG A 79 2.96 -32.67 10.25
N GLU A 80 2.93 -33.19 9.01
CA GLU A 80 3.97 -34.11 8.49
C GLU A 80 5.29 -33.41 8.67
N ALA A 81 5.33 -32.12 8.32
CA ALA A 81 6.61 -31.45 8.24
C ALA A 81 7.16 -31.21 9.63
N VAL A 82 6.30 -30.88 10.58
CA VAL A 82 6.75 -30.73 11.98
C VAL A 82 7.27 -32.07 12.50
N ALA A 83 6.50 -33.10 12.13
CA ALA A 83 6.79 -34.50 12.47
C ALA A 83 8.18 -34.83 12.03
N LEU A 84 8.39 -34.76 10.71
CA LEU A 84 9.68 -34.93 10.13
C LEU A 84 10.77 -34.05 10.78
N ALA A 85 10.51 -32.76 11.02
CA ALA A 85 11.59 -31.90 11.50
C ALA A 85 12.09 -32.28 12.88
N LEU A 86 11.15 -32.64 13.75
CA LEU A 86 11.48 -32.92 15.14
C LEU A 86 11.85 -34.41 15.39
N GLY A 87 11.88 -35.20 14.31
CA GLY A 87 12.12 -36.65 14.35
C GLY A 87 11.23 -37.43 15.31
N GLU A 88 9.91 -37.26 15.15
CA GLU A 88 8.92 -37.90 16.00
C GLU A 88 7.80 -38.37 15.07
N PRO A 89 7.09 -39.46 15.45
CA PRO A 89 6.09 -39.99 14.49
C PRO A 89 4.69 -39.42 14.71
N LEU A 90 3.92 -39.31 13.64
CA LEU A 90 2.51 -38.93 13.74
C LEU A 90 1.65 -40.09 14.32
N GLU A 91 0.84 -39.79 15.34
CA GLU A 91 -0.10 -40.75 15.97
C GLU A 91 -1.55 -40.28 15.84
N LEU A 92 -2.45 -41.19 15.47
CA LEU A 92 -3.90 -40.90 15.45
C LEU A 92 -4.45 -40.80 16.87
N ASP A 93 -5.25 -39.77 17.15
CA ASP A 93 -5.88 -39.65 18.46
C ASP A 93 -7.35 -39.92 18.22
N GLU A 94 -7.82 -41.10 18.66
CA GLU A 94 -9.19 -41.58 18.37
C GLU A 94 -10.22 -40.56 18.82
N ALA A 95 -9.99 -39.92 19.96
CA ALA A 95 -10.95 -38.96 20.55
C ALA A 95 -11.14 -37.72 19.66
N VAL A 96 -10.02 -37.18 19.20
CA VAL A 96 -10.04 -36.02 18.34
C VAL A 96 -10.69 -36.38 16.99
N LEU A 97 -10.38 -37.57 16.46
CA LEU A 97 -11.09 -38.08 15.28
C LEU A 97 -12.60 -38.15 15.48
N GLY A 98 -13.01 -38.40 16.72
CA GLY A 98 -14.42 -38.46 17.09
C GLY A 98 -15.02 -37.08 16.98
N GLU A 99 -14.33 -36.09 17.57
CA GLU A 99 -14.77 -34.69 17.50
C GLU A 99 -14.90 -34.17 16.08
N ILE A 100 -14.00 -34.62 15.19
CA ILE A 100 -14.05 -34.27 13.76
C ILE A 100 -15.23 -34.93 13.06
N GLU A 101 -15.55 -36.17 13.44
CA GLU A 101 -16.74 -36.84 12.91
C GLU A 101 -18.04 -36.17 13.36
N ALA A 102 -18.03 -35.64 14.60
CA ALA A 102 -19.15 -34.84 15.17
C ALA A 102 -19.39 -33.49 14.44
N PHE A 103 -18.29 -32.91 13.99
CA PHE A 103 -18.33 -31.69 13.20
C PHE A 103 -19.09 -31.92 11.88
N PHE A 104 -18.79 -33.00 11.19
CA PHE A 104 -19.46 -33.30 9.93
C PHE A 104 -20.86 -33.83 10.12
N ARG A 105 -21.09 -34.63 11.16
CA ARG A 105 -22.45 -35.09 11.45
C ARG A 105 -23.38 -33.93 11.82
N ALA A 106 -22.87 -32.97 12.60
CA ALA A 106 -23.58 -31.73 12.92
C ALA A 106 -24.13 -31.02 11.67
N ARG A 107 -23.40 -31.10 10.56
CA ARG A 107 -23.84 -30.46 9.30
C ARG A 107 -24.58 -31.48 8.41
N GLY A 108 -24.84 -32.66 8.97
CA GLY A 108 -25.62 -33.72 8.31
C GLY A 108 -24.82 -34.54 7.32
N ARG A 109 -23.49 -34.43 7.38
CA ARG A 109 -22.65 -35.12 6.41
C ARG A 109 -21.73 -36.11 7.10
N ALA A 110 -21.27 -37.06 6.30
CA ALA A 110 -20.22 -37.95 6.74
C ALA A 110 -18.87 -37.22 6.59
N MET A 111 -17.97 -37.40 7.56
CA MET A 111 -16.60 -36.87 7.43
C MET A 111 -15.92 -37.43 6.18
N PRO A 112 -15.32 -36.57 5.33
CA PRO A 112 -14.62 -37.24 4.21
C PRO A 112 -13.32 -37.92 4.70
N GLU A 113 -12.85 -38.91 3.96
CA GLU A 113 -11.67 -39.72 4.35
C GLU A 113 -10.39 -38.88 4.47
N ALA A 114 -10.33 -37.77 3.75
CA ALA A 114 -9.17 -36.88 3.84
C ALA A 114 -8.98 -36.33 5.25
N ASN A 115 -10.09 -36.03 5.95
CA ASN A 115 -10.00 -35.31 7.23
C ASN A 115 -9.36 -36.12 8.36
N ARG A 116 -9.07 -37.39 8.08
CA ARG A 116 -8.43 -38.31 9.05
C ARG A 116 -7.18 -37.68 9.58
N LYS A 117 -6.39 -37.10 8.68
CA LYS A 117 -5.07 -36.58 9.03
C LYS A 117 -5.12 -35.50 10.08
N GLN A 118 -6.26 -34.82 10.20
CA GLN A 118 -6.42 -33.71 11.17
C GLN A 118 -6.35 -34.13 12.63
N ALA A 119 -6.28 -35.44 12.86
CA ALA A 119 -6.22 -35.96 14.21
C ALA A 119 -4.86 -36.55 14.54
N MET A 120 -3.91 -36.42 13.63
CA MET A 120 -2.55 -36.83 13.92
C MET A 120 -1.86 -35.82 14.86
N ARG A 121 -1.06 -36.33 15.79
CA ARG A 121 -0.30 -35.52 16.74
C ARG A 121 0.96 -36.28 16.95
N ILE A 122 2.02 -35.59 17.35
CA ILE A 122 3.23 -36.27 17.77
C ILE A 122 3.19 -36.44 19.29
N PRO A 123 3.97 -37.40 19.83
CA PRO A 123 4.02 -37.63 21.28
C PRO A 123 4.27 -36.35 22.07
N SER A 124 5.15 -35.48 21.58
CA SER A 124 5.53 -34.29 22.32
C SER A 124 4.45 -33.22 22.36
N ALA A 125 3.33 -33.44 21.66
CA ALA A 125 2.29 -32.40 21.50
C ALA A 125 1.04 -32.57 22.32
N THR A 126 0.65 -31.53 23.03
CA THR A 126 -0.69 -31.44 23.58
C THR A 126 -1.67 -30.74 22.61
N TRP A 127 -2.98 -30.97 22.76
CA TRP A 127 -4.00 -30.44 21.81
C TRP A 127 -4.43 -29.05 22.09
N LEU A 128 -4.69 -28.28 21.06
CA LEU A 128 -5.27 -26.92 21.27
C LEU A 128 -6.64 -26.89 20.63
N LYS A 129 -7.68 -26.71 21.44
CA LYS A 129 -9.05 -26.88 20.91
C LYS A 129 -9.31 -25.75 19.92
N ASN A 130 -9.69 -26.12 18.71
CA ASN A 130 -10.32 -25.20 17.76
C ASN A 130 -11.86 -25.30 17.81
N PRO A 131 -12.54 -24.44 18.61
CA PRO A 131 -14.00 -24.65 18.68
C PRO A 131 -14.75 -23.97 17.50
N ARG A 132 -14.02 -23.39 16.54
CA ARG A 132 -14.66 -22.74 15.39
C ARG A 132 -14.37 -23.38 14.02
N GLY A 133 -13.69 -24.54 13.99
CA GLY A 133 -13.30 -25.22 12.74
C GLY A 133 -12.90 -26.69 12.97
N THR A 134 -12.40 -27.36 11.94
CA THR A 134 -12.13 -28.79 12.09
C THR A 134 -10.77 -29.11 12.70
N ALA A 135 -9.73 -28.31 12.42
CA ALA A 135 -8.37 -28.70 12.81
C ALA A 135 -7.99 -28.15 14.17
N PRO A 136 -7.62 -29.02 15.12
CA PRO A 136 -7.09 -28.44 16.33
C PRO A 136 -5.61 -28.16 16.15
N GLY A 137 -5.05 -27.43 17.09
CA GLY A 137 -3.64 -27.07 17.02
C GLY A 137 -2.76 -27.97 17.86
N TRP A 138 -1.46 -27.70 17.87
CA TRP A 138 -0.52 -28.37 18.76
C TRP A 138 0.27 -27.39 19.57
N TRP A 139 0.52 -27.76 20.83
CA TRP A 139 1.60 -27.20 21.63
C TRP A 139 2.62 -28.26 21.95
N VAL A 140 3.86 -28.00 21.52
CA VAL A 140 4.95 -28.90 21.66
C VAL A 140 5.99 -28.26 22.61
N ARG A 141 6.38 -29.02 23.63
CA ARG A 141 7.39 -28.57 24.56
C ARG A 141 8.45 -29.61 24.49
N LYS A 142 9.68 -29.18 24.23
CA LYS A 142 10.77 -30.11 24.02
C LYS A 142 12.07 -29.37 23.97
N GLY A 143 12.99 -29.71 24.87
CA GLY A 143 14.31 -29.15 24.84
C GLY A 143 14.29 -27.79 25.50
N GLY A 144 13.27 -27.56 26.33
CA GLY A 144 13.10 -26.28 26.99
C GLY A 144 12.46 -25.24 26.06
N LYS A 145 12.16 -25.69 24.81
CA LYS A 145 11.60 -24.86 23.68
C LYS A 145 10.12 -25.13 23.36
N ASP A 146 9.37 -24.08 23.03
CA ASP A 146 7.99 -24.24 22.57
C ASP A 146 7.86 -24.16 21.05
N LEU A 147 6.96 -24.99 20.49
CA LEU A 147 6.50 -24.90 19.10
C LEU A 147 4.97 -25.06 18.99
N VAL A 148 4.29 -24.03 18.52
CA VAL A 148 2.84 -24.01 18.43
C VAL A 148 2.42 -24.03 16.96
N LEU A 149 1.53 -24.96 16.59
CA LEU A 149 0.87 -24.99 15.30
C LEU A 149 -0.54 -24.38 15.43
N LEU A 150 -0.89 -23.47 14.51
CA LEU A 150 -2.16 -22.75 14.55
C LEU A 150 -2.83 -22.88 13.23
N PRO A 151 -4.18 -22.93 13.19
CA PRO A 151 -4.90 -22.92 11.88
C PRO A 151 -4.65 -21.62 11.11
N GLY A 152 -4.80 -21.66 9.80
CA GLY A 152 -4.68 -20.50 8.97
C GLY A 152 -5.66 -19.39 9.23
N PRO A 153 -6.99 -19.67 9.19
CA PRO A 153 -8.00 -18.58 9.32
C PRO A 153 -7.98 -17.87 10.69
N PRO A 154 -8.06 -16.51 10.71
CA PRO A 154 -8.00 -15.75 11.97
C PRO A 154 -9.15 -15.96 12.95
N PRO A 155 -10.37 -16.23 12.45
CA PRO A 155 -11.36 -16.41 13.51
C PRO A 155 -11.12 -17.73 14.29
N GLU A 156 -10.51 -18.70 13.63
CA GLU A 156 -10.07 -19.91 14.31
C GLU A 156 -8.85 -19.61 15.20
N TRP A 157 -7.71 -19.31 14.59
CA TRP A 157 -6.49 -19.18 15.44
C TRP A 157 -6.43 -18.12 16.51
N ARG A 158 -7.14 -16.99 16.41
CA ARG A 158 -6.93 -15.91 17.40
C ARG A 158 -7.31 -16.29 18.84
N PRO A 159 -8.52 -16.89 19.05
CA PRO A 159 -8.85 -17.37 20.41
C PRO A 159 -7.90 -18.48 20.90
N MET A 160 -7.38 -19.32 19.98
CA MET A 160 -6.41 -20.39 20.32
C MET A 160 -5.08 -19.85 20.83
N TRP A 161 -4.63 -18.80 20.16
CA TRP A 161 -3.35 -18.24 20.46
C TRP A 161 -3.43 -17.47 21.74
N GLN A 162 -4.51 -16.72 21.91
CA GLN A 162 -4.73 -15.87 23.08
C GLN A 162 -4.75 -16.67 24.40
N GLU A 163 -5.30 -17.89 24.30
CA GLU A 163 -5.38 -18.91 25.33
C GLU A 163 -4.02 -19.54 25.69
N VAL A 164 -3.34 -20.15 24.72
CA VAL A 164 -2.05 -20.81 24.93
C VAL A 164 -0.88 -19.87 25.26
N LEU A 165 -0.94 -18.66 24.73
CA LEU A 165 0.24 -17.77 24.90
C LEU A 165 0.69 -17.50 26.37
N PRO A 166 -0.26 -17.21 27.30
CA PRO A 166 0.20 -16.92 28.66
C PRO A 166 0.67 -18.21 29.44
N ARG A 167 0.39 -19.38 28.85
CA ARG A 167 0.83 -20.65 29.41
C ARG A 167 2.26 -21.06 29.08
N LEU A 168 2.79 -20.53 27.98
CA LEU A 168 4.10 -20.93 27.46
C LEU A 168 5.27 -20.64 28.39
N GLY A 169 5.03 -19.78 29.38
CA GLY A 169 6.04 -19.40 30.36
C GLY A 169 7.22 -18.60 29.78
N LEU A 170 6.90 -17.68 28.88
CA LEU A 170 7.97 -16.86 28.27
C LEU A 170 8.35 -15.72 29.22
N PRO A 171 9.62 -15.28 29.17
CA PRO A 171 10.05 -14.18 30.08
C PRO A 171 9.40 -12.90 29.64
N ARG A 172 8.86 -12.13 30.59
CA ARG A 172 8.15 -10.86 30.33
C ARG A 172 9.04 -9.63 30.54
N ARG A 173 8.79 -8.57 29.75
CA ARG A 173 9.40 -7.25 29.92
C ARG A 173 8.37 -6.20 29.55
N PRO A 174 8.33 -5.10 30.31
CA PRO A 174 7.39 -4.01 30.02
C PRO A 174 7.77 -3.29 28.69
N TYR A 175 6.91 -3.37 27.68
CA TYR A 175 7.18 -2.89 26.32
C TYR A 175 6.47 -1.57 26.09
N ALA A 176 7.11 -0.67 25.36
CA ALA A 176 6.36 0.47 24.75
C ALA A 176 6.80 0.71 23.28
N GLU A 177 5.96 1.37 22.50
CA GLU A 177 6.43 2.00 21.31
C GLU A 177 5.74 3.34 21.02
N ARG A 178 6.57 4.33 20.67
CA ARG A 178 6.12 5.68 20.31
C ARG A 178 6.42 5.91 18.80
N VAL A 179 5.45 6.44 18.08
CA VAL A 179 5.51 6.67 16.63
C VAL A 179 5.36 8.20 16.47
N LEU A 180 6.45 8.90 16.06
CA LEU A 180 6.45 10.39 15.84
C LEU A 180 6.36 10.65 14.33
N LYS A 181 5.35 11.42 13.91
CA LYS A 181 5.12 11.69 12.49
C LYS A 181 5.53 13.13 12.20
N THR A 182 6.54 13.29 11.35
CA THR A 182 7.13 14.59 11.06
C THR A 182 6.86 14.98 9.60
N TRP A 183 6.95 16.27 9.28
CA TRP A 183 7.12 16.72 7.89
C TRP A 183 8.16 17.83 7.75
N GLY A 184 8.87 17.85 6.62
CA GLY A 184 9.73 18.96 6.29
C GLY A 184 11.17 18.75 6.70
N ILE A 185 11.52 17.52 7.02
CA ILE A 185 12.87 17.27 7.42
C ILE A 185 13.22 15.94 6.81
N GLY A 186 14.36 15.89 6.16
CA GLY A 186 14.75 14.65 5.56
C GLY A 186 15.35 13.68 6.58
N GLU A 187 15.46 12.44 6.14
CA GLU A 187 15.94 11.33 6.98
C GLU A 187 17.39 11.54 7.48
N SER A 188 18.34 11.69 6.54
CA SER A 188 19.70 12.18 6.90
C SER A 188 19.67 13.31 7.89
N GLU A 189 18.84 14.35 7.65
CA GLU A 189 18.82 15.47 8.60
C GLU A 189 18.31 15.03 9.98
N ILE A 190 17.34 14.10 10.02
CA ILE A 190 16.80 13.66 11.32
C ILE A 190 17.92 13.00 12.13
N VAL A 191 18.68 12.14 11.45
CA VAL A 191 19.81 11.47 12.06
C VAL A 191 20.75 12.48 12.72
N GLU A 192 21.25 13.41 11.89
CA GLU A 192 22.22 14.46 12.33
C GLU A 192 21.63 15.21 13.46
N ARG A 193 20.36 15.61 13.32
CA ARG A 193 19.69 16.43 14.36
C ARG A 193 19.63 15.70 15.71
N LEU A 194 19.32 14.41 15.63
CA LEU A 194 19.07 13.61 16.84
C LEU A 194 20.44 13.20 17.47
N GLY A 195 21.45 12.92 16.61
CA GLY A 195 22.82 12.71 17.07
C GLY A 195 22.96 11.43 17.87
N PRO A 196 23.30 11.53 19.19
CA PRO A 196 23.48 10.35 20.08
C PRO A 196 22.11 9.75 20.58
N LEU A 197 21.01 10.46 20.29
CA LEU A 197 19.67 9.98 20.63
C LEU A 197 19.18 8.93 19.63
N PHE A 198 19.92 8.66 18.55
CA PHE A 198 19.49 7.65 17.61
C PHE A 198 20.00 6.26 18.08
N VAL A 199 19.60 5.86 19.29
CA VAL A 199 20.08 4.62 19.98
C VAL A 199 19.63 3.37 19.24
N ARG A 200 20.54 2.42 19.15
CA ARG A 200 20.23 1.11 18.63
C ARG A 200 21.03 0.15 19.50
N GLU A 201 20.49 -0.14 20.68
CA GLU A 201 21.04 -1.13 21.60
C GLU A 201 20.01 -2.29 21.80
N GLU A 202 20.27 -3.21 22.73
CA GLU A 202 19.36 -4.39 22.88
C GLU A 202 18.00 -4.05 23.54
N GLU A 203 18.02 -3.07 24.41
CA GLU A 203 16.93 -2.76 25.27
C GLU A 203 15.95 -1.71 24.65
N GLU A 204 16.42 -1.08 23.56
CA GLU A 204 16.08 0.28 23.12
C GLU A 204 16.40 0.48 21.65
N GLU A 205 15.44 0.86 20.83
CA GLU A 205 15.84 1.24 19.48
C GLU A 205 14.95 2.28 18.82
N VAL A 206 15.58 3.11 17.97
CA VAL A 206 14.99 4.30 17.36
C VAL A 206 15.24 4.05 15.92
N GLY A 207 14.21 4.22 15.11
CA GLY A 207 14.29 3.91 13.69
C GLY A 207 13.54 4.98 12.90
N THR A 208 13.95 5.19 11.66
CA THR A 208 13.20 6.13 10.79
C THR A 208 12.63 5.40 9.64
N TYR A 209 11.45 5.81 9.23
CA TYR A 209 10.80 5.18 8.16
C TYR A 209 10.24 6.27 7.22
N PRO A 210 10.81 6.41 6.00
CA PRO A 210 10.29 7.36 5.06
C PRO A 210 8.84 6.99 4.66
N LYS A 211 7.95 7.96 4.63
CA LYS A 211 6.67 7.78 3.90
C LYS A 211 6.38 8.98 3.01
N VAL A 212 5.38 8.85 2.14
CA VAL A 212 4.92 10.04 1.38
C VAL A 212 4.35 11.12 2.28
N HIS A 213 3.73 10.76 3.42
CA HIS A 213 3.37 11.75 4.43
C HIS A 213 4.46 12.28 5.42
N GLY A 214 5.72 12.10 5.12
CA GLY A 214 6.69 12.52 6.09
C GLY A 214 7.52 11.37 6.66
N VAL A 215 8.69 11.70 7.18
CA VAL A 215 9.50 10.67 7.83
C VAL A 215 8.90 10.36 9.21
N GLU A 216 8.68 9.07 9.47
CA GLU A 216 8.19 8.63 10.79
C GLU A 216 9.39 8.25 11.61
N VAL A 217 9.44 8.74 12.83
CA VAL A 217 10.45 8.30 13.82
C VAL A 217 9.82 7.39 14.88
N VAL A 218 10.31 6.13 14.99
CA VAL A 218 9.75 5.10 15.91
C VAL A 218 10.80 4.71 16.99
N VAL A 219 10.39 4.86 18.26
CA VAL A 219 11.11 4.31 19.41
C VAL A 219 10.33 3.08 19.94
N ARG A 220 11.04 1.97 20.10
CA ARG A 220 10.46 0.76 20.65
C ARG A 220 11.45 0.01 21.57
N GLY A 221 10.93 -0.61 22.63
CA GLY A 221 11.72 -1.46 23.52
C GLY A 221 11.20 -1.33 24.92
N ARG A 222 12.13 -1.33 25.87
CA ARG A 222 11.81 -1.22 27.27
C ARG A 222 11.07 0.07 27.59
N GLU A 223 9.88 -0.07 28.20
CA GLU A 223 8.96 1.04 28.54
C GLU A 223 9.52 2.36 29.13
N ASP A 224 10.40 2.28 30.13
CA ASP A 224 10.98 3.46 30.78
C ASP A 224 11.93 4.22 29.82
N ARG A 225 12.70 3.45 29.07
CA ARG A 225 13.63 3.99 28.08
C ARG A 225 12.91 4.58 26.89
N VAL A 226 11.80 3.96 26.46
CA VAL A 226 11.02 4.47 25.33
C VAL A 226 10.42 5.85 25.62
N ALA A 227 9.81 6.05 26.80
CA ALA A 227 9.16 7.32 27.14
C ALA A 227 10.19 8.44 27.24
N GLU A 228 11.36 8.14 27.78
CA GLU A 228 12.46 9.11 27.89
C GLU A 228 13.04 9.56 26.58
N LEU A 229 13.35 8.60 25.71
CA LEU A 229 13.97 8.82 24.43
C LEU A 229 12.98 9.40 23.40
N ALA A 230 11.69 9.14 23.59
CA ALA A 230 10.66 9.72 22.77
C ALA A 230 10.42 11.19 23.14
N GLU A 231 10.50 11.54 24.43
CA GLU A 231 10.28 12.93 24.85
C GLU A 231 11.45 13.86 24.47
N ARG A 232 12.69 13.38 24.62
CA ARG A 232 13.85 14.13 24.15
C ARG A 232 13.87 14.21 22.61
N ILE A 233 13.55 13.11 21.93
CA ILE A 233 13.49 13.12 20.48
C ILE A 233 12.43 14.09 19.97
N LYS A 234 11.28 14.15 20.63
CA LYS A 234 10.20 15.03 20.23
C LYS A 234 10.58 16.49 20.50
N LYS A 235 11.46 16.71 21.49
CA LYS A 235 11.95 18.05 21.83
C LYS A 235 12.90 18.62 20.73
N LYS A 236 13.89 17.83 20.31
CA LYS A 236 14.78 18.09 19.17
C LYS A 236 14.02 18.37 17.89
N LEU A 237 12.90 17.72 17.67
CA LEU A 237 12.25 17.79 16.38
C LEU A 237 10.92 18.57 16.43
N LEU A 238 10.80 19.50 17.37
CA LEU A 238 9.49 20.02 17.75
C LEU A 238 8.73 20.70 16.64
N LYS A 239 9.43 21.25 15.67
CA LYS A 239 8.74 22.00 14.65
C LYS A 239 8.17 21.04 13.65
N GLU A 240 8.92 19.97 13.39
CA GLU A 240 8.58 19.07 12.34
C GLU A 240 7.56 18.01 12.69
N VAL A 241 7.23 17.85 13.97
CA VAL A 241 6.30 16.79 14.40
C VAL A 241 4.86 17.24 14.26
N TRP A 242 4.08 16.59 13.43
CA TRP A 242 2.70 17.02 13.36
C TRP A 242 1.70 16.15 14.11
N GLY A 243 2.11 14.90 14.36
CA GLY A 243 1.22 13.89 14.98
C GLY A 243 1.98 12.73 15.64
N GLU A 244 1.26 12.02 16.52
CA GLU A 244 1.71 10.75 17.06
C GLU A 244 0.78 9.60 16.77
N GLY A 245 1.34 8.39 16.81
CA GLY A 245 0.53 7.17 16.81
C GLY A 245 -0.26 6.99 15.57
N GLU A 246 -1.58 7.01 15.71
CA GLU A 246 -2.50 6.76 14.62
C GLU A 246 -2.84 8.02 13.79
N MET A 247 -2.34 9.17 14.23
CA MET A 247 -2.73 10.48 13.71
C MET A 247 -2.38 10.55 12.24
N THR A 248 -3.31 10.99 11.42
CA THR A 248 -2.99 11.33 10.01
C THR A 248 -3.00 12.86 9.88
N LEU A 249 -2.33 13.38 8.86
CA LEU A 249 -2.31 14.82 8.62
C LEU A 249 -3.72 15.36 8.46
N ALA A 250 -4.55 14.63 7.74
CA ALA A 250 -5.96 15.07 7.59
C ALA A 250 -6.63 15.20 8.94
N GLU A 251 -6.36 14.23 9.82
CA GLU A 251 -6.90 14.31 11.17
C GLU A 251 -6.32 15.46 11.92
N ALA A 252 -5.01 15.69 11.84
CA ALA A 252 -4.46 16.84 12.57
C ALA A 252 -5.10 18.18 12.06
N VAL A 253 -5.26 18.29 10.75
CA VAL A 253 -5.87 19.50 10.21
C VAL A 253 -7.25 19.67 10.81
N LYS A 254 -8.00 18.56 10.81
CA LYS A 254 -9.28 18.58 11.43
C LYS A 254 -9.23 19.09 12.84
N ARG A 255 -8.29 18.60 13.67
CA ARG A 255 -8.18 19.06 15.07
C ARG A 255 -7.95 20.56 15.18
N ARG A 256 -7.13 21.11 14.29
CA ARG A 256 -6.84 22.54 14.40
C ARG A 256 -8.08 23.34 13.97
N MET A 257 -8.71 22.97 12.88
CA MET A 257 -9.90 23.75 12.43
C MET A 257 -10.97 23.77 13.53
N GLU A 258 -11.31 22.59 14.08
CA GLU A 258 -12.33 22.53 15.18
C GLU A 258 -11.90 23.33 16.41
N ARG A 259 -10.63 23.22 16.77
CA ARG A 259 -10.06 23.96 17.90
C ARG A 259 -10.27 25.50 17.77
N GLU A 260 -10.14 26.02 16.55
CA GLU A 260 -10.21 27.46 16.34
C GLU A 260 -11.61 27.88 15.88
N GLY A 261 -12.45 26.91 15.56
CA GLY A 261 -13.75 27.18 14.95
C GLY A 261 -13.62 27.74 13.55
N ALA A 262 -12.87 27.06 12.69
CA ALA A 262 -12.48 27.65 11.43
C ALA A 262 -12.86 26.80 10.25
N THR A 263 -12.92 27.41 9.07
CA THR A 263 -13.27 26.66 7.89
C THR A 263 -12.10 26.66 6.86
N LEU A 264 -12.17 25.72 5.91
CA LEU A 264 -11.13 25.51 4.98
C LEU A 264 -11.72 25.34 3.61
N SER A 265 -10.92 25.67 2.59
CA SER A 265 -11.26 25.39 1.19
C SER A 265 -10.02 25.22 0.47
N THR A 266 -10.09 24.69 -0.77
CA THR A 266 -8.90 24.44 -1.51
C THR A 266 -8.96 24.96 -2.96
N MET A 267 -7.77 25.19 -3.58
CA MET A 267 -7.70 25.28 -5.04
C MET A 267 -6.54 24.52 -5.55
N GLU A 268 -6.79 23.61 -6.49
CA GLU A 268 -5.75 22.66 -6.90
C GLU A 268 -5.56 22.69 -8.39
N SER A 269 -4.30 22.58 -8.80
CA SER A 269 -3.95 22.28 -10.17
C SER A 269 -3.35 20.88 -10.29
N LEU A 270 -2.07 20.72 -9.93
CA LEU A 270 -1.41 19.42 -10.28
C LEU A 270 -1.99 18.21 -9.53
N THR A 271 -2.55 18.45 -8.35
CA THR A 271 -3.09 17.38 -7.51
C THR A 271 -4.48 16.92 -7.93
N GLY A 272 -5.26 17.78 -8.58
CA GLY A 272 -6.37 17.28 -9.33
C GLY A 272 -7.61 16.92 -8.56
N GLY A 273 -7.69 17.29 -7.31
CA GLY A 273 -8.77 16.80 -6.45
C GLY A 273 -8.24 15.98 -5.26
N LEU A 274 -6.98 15.58 -5.33
CA LEU A 274 -6.46 14.64 -4.37
C LEU A 274 -6.24 15.28 -3.02
N LEU A 275 -6.06 16.62 -2.98
CA LEU A 275 -6.13 17.36 -1.73
C LEU A 275 -7.49 17.38 -1.05
N GLY A 276 -8.54 17.77 -1.77
CA GLY A 276 -9.92 17.67 -1.27
C GLY A 276 -10.22 16.22 -0.84
N ALA A 277 -9.88 15.25 -1.67
CA ALA A 277 -10.06 13.82 -1.39
C ALA A 277 -9.45 13.40 -0.04
N GLU A 278 -8.24 13.87 0.27
CA GLU A 278 -7.53 13.50 1.47
C GLU A 278 -8.14 14.19 2.69
N ILE A 279 -8.56 15.46 2.52
CA ILE A 279 -9.19 16.16 3.53
C ILE A 279 -10.52 15.48 3.89
N THR A 280 -11.29 15.07 2.89
CA THR A 280 -12.62 14.53 3.17
C THR A 280 -12.60 13.01 3.49
N ARG A 281 -11.43 12.38 3.46
CA ARG A 281 -11.24 11.02 4.02
C ARG A 281 -11.78 10.88 5.48
N VAL A 282 -11.62 11.89 6.30
CA VAL A 282 -11.93 11.86 7.72
C VAL A 282 -13.39 12.23 8.08
N PRO A 283 -14.08 11.30 8.76
CA PRO A 283 -15.49 11.50 9.14
C PRO A 283 -15.64 12.84 9.82
N GLY A 284 -16.69 13.59 9.49
CA GLY A 284 -16.89 14.88 10.11
C GLY A 284 -16.10 16.03 9.43
N ALA A 285 -15.48 15.78 8.27
CA ALA A 285 -14.85 16.87 7.51
C ALA A 285 -15.83 18.01 7.19
N SER A 286 -17.12 17.68 7.03
CA SER A 286 -18.11 18.68 6.63
C SER A 286 -18.29 19.79 7.64
N ARG A 287 -17.82 19.58 8.88
CA ARG A 287 -17.94 20.58 9.91
C ARG A 287 -16.97 21.78 9.67
N PHE A 288 -15.98 21.62 8.79
CA PHE A 288 -15.00 22.71 8.53
C PHE A 288 -14.61 22.88 7.06
N TYR A 289 -14.62 21.81 6.27
CA TYR A 289 -14.26 21.90 4.84
C TYR A 289 -15.45 22.36 3.92
N LEU A 290 -15.39 23.58 3.42
CA LEU A 290 -16.54 24.10 2.64
C LEU A 290 -16.56 23.59 1.26
N GLY A 291 -15.38 23.25 0.74
CA GLY A 291 -15.24 22.71 -0.61
C GLY A 291 -14.02 23.22 -1.32
N GLY A 292 -13.99 23.08 -2.63
CA GLY A 292 -12.80 23.51 -3.37
C GLY A 292 -12.98 23.48 -4.87
N VAL A 293 -11.94 23.91 -5.60
CA VAL A 293 -12.00 23.81 -7.01
C VAL A 293 -10.80 23.16 -7.60
N VAL A 294 -10.99 22.45 -8.69
CA VAL A 294 -9.90 21.91 -9.37
C VAL A 294 -9.74 22.74 -10.67
N SER A 295 -8.64 23.50 -10.75
CA SER A 295 -8.42 24.42 -11.86
C SER A 295 -7.39 23.84 -12.81
N TYR A 296 -7.83 22.92 -13.64
CA TYR A 296 -6.93 22.11 -14.40
C TYR A 296 -6.67 22.68 -15.82
N SER A 297 -7.64 23.40 -16.42
CA SER A 297 -7.38 24.12 -17.65
C SER A 297 -6.98 25.59 -17.35
N VAL A 298 -6.40 26.25 -18.36
CA VAL A 298 -6.10 27.69 -18.26
C VAL A 298 -7.39 28.46 -18.08
N GLY A 299 -8.42 28.09 -18.82
CA GLY A 299 -9.68 28.80 -18.63
C GLY A 299 -10.22 28.65 -17.19
N ALA A 300 -10.09 27.46 -16.60
CA ALA A 300 -10.59 27.30 -15.21
C ALA A 300 -9.73 28.10 -14.32
N LYS A 301 -8.44 28.12 -14.62
CA LYS A 301 -7.50 28.91 -13.76
C LYS A 301 -7.89 30.37 -13.74
N ALA A 302 -8.19 30.94 -14.91
CA ALA A 302 -8.73 32.31 -14.96
C ALA A 302 -10.13 32.44 -14.36
N ARG A 303 -11.05 31.53 -14.67
CA ARG A 303 -12.42 31.62 -14.12
C ARG A 303 -12.42 31.78 -12.60
N PHE A 304 -11.41 31.21 -11.92
CA PHE A 304 -11.49 31.04 -10.46
C PHE A 304 -10.42 31.87 -9.83
N GLY A 305 -9.77 32.71 -10.64
CA GLY A 305 -9.07 33.89 -10.13
C GLY A 305 -7.55 33.85 -10.00
N VAL A 306 -6.88 32.96 -10.71
CA VAL A 306 -5.46 33.20 -10.97
C VAL A 306 -5.32 34.45 -11.91
N PRO A 307 -4.53 35.49 -11.50
CA PRO A 307 -4.41 36.72 -12.34
C PRO A 307 -3.83 36.41 -13.72
N GLN A 308 -4.36 37.08 -14.76
CA GLN A 308 -3.96 36.87 -16.14
C GLN A 308 -2.45 36.84 -16.39
N ASP A 309 -1.74 37.73 -15.72
CA ASP A 309 -0.30 37.86 -15.83
C ASP A 309 0.45 36.65 -15.22
N LEU A 310 -0.30 35.70 -14.61
CA LEU A 310 0.36 34.55 -13.99
C LEU A 310 0.05 33.31 -14.78
N LEU A 311 -0.87 33.39 -15.74
CA LEU A 311 -1.24 32.21 -16.52
C LEU A 311 -0.13 31.57 -17.34
N SER A 312 0.97 32.27 -17.55
CA SER A 312 2.05 31.66 -18.29
C SER A 312 3.17 31.30 -17.28
N ARG A 313 3.01 31.68 -16.02
CA ARG A 313 3.83 31.09 -14.93
C ARG A 313 3.04 30.52 -13.71
N THR A 314 2.26 29.48 -13.99
CA THR A 314 1.48 28.77 -12.98
C THR A 314 2.46 28.05 -11.93
N VAL A 315 3.63 27.68 -12.44
CA VAL A 315 4.64 27.09 -11.59
C VAL A 315 5.47 28.13 -10.90
N SER A 316 4.90 28.73 -9.85
CA SER A 316 5.59 29.77 -9.12
C SER A 316 4.97 29.99 -7.73
N ALA A 317 5.73 30.57 -6.80
CA ALA A 317 5.18 30.91 -5.50
C ALA A 317 4.15 32.03 -5.63
N GLU A 318 4.36 32.90 -6.62
CA GLU A 318 3.41 34.01 -6.82
C GLU A 318 2.01 33.42 -7.14
N THR A 319 1.96 32.43 -8.01
CA THR A 319 0.68 31.87 -8.46
C THR A 319 0.00 31.08 -7.33
N ALA A 320 0.80 30.34 -6.56
CA ALA A 320 0.32 29.56 -5.41
C ALA A 320 -0.34 30.44 -4.43
N ARG A 321 0.35 31.52 -4.06
CA ARG A 321 -0.22 32.52 -3.16
C ARG A 321 -1.58 33.07 -3.65
N ALA A 322 -1.60 33.46 -4.92
CA ALA A 322 -2.82 33.97 -5.52
C ALA A 322 -3.94 32.84 -5.61
N MET A 323 -3.62 31.59 -5.96
CA MET A 323 -4.60 30.51 -5.89
C MET A 323 -5.19 30.42 -4.49
N ALA A 324 -4.33 30.51 -3.47
CA ALA A 324 -4.83 30.36 -2.10
C ALA A 324 -5.72 31.51 -1.71
N GLU A 325 -5.30 32.72 -1.97
CA GLU A 325 -6.10 33.85 -1.56
C GLU A 325 -7.39 33.84 -2.38
N ALA A 326 -7.36 33.37 -3.62
CA ALA A 326 -8.63 33.33 -4.37
C ALA A 326 -9.60 32.30 -3.77
N ALA A 327 -9.10 31.09 -3.51
CA ALA A 327 -9.96 30.06 -2.97
C ALA A 327 -10.66 30.58 -1.68
N ARG A 328 -9.87 31.16 -0.80
CA ARG A 328 -10.37 31.87 0.39
C ARG A 328 -11.52 32.84 0.19
N SER A 329 -11.46 33.62 -0.86
CA SER A 329 -12.41 34.68 -1.03
C SER A 329 -13.63 34.06 -1.72
N LEU A 330 -13.35 33.07 -2.55
CA LEU A 330 -14.35 32.40 -3.33
C LEU A 330 -15.32 31.58 -2.47
N PHE A 331 -14.83 31.07 -1.32
CA PHE A 331 -15.63 30.23 -0.43
C PHE A 331 -15.95 30.93 0.83
N GLY A 332 -15.29 32.05 1.09
CA GLY A 332 -15.61 32.78 2.30
C GLY A 332 -15.00 32.07 3.52
N SER A 333 -13.94 31.27 3.33
CA SER A 333 -13.35 30.45 4.40
C SER A 333 -12.27 31.16 5.18
N THR A 334 -12.10 30.76 6.43
CA THR A 334 -11.02 31.21 7.25
C THR A 334 -9.72 30.96 6.60
N TYR A 335 -9.45 29.71 6.18
CA TYR A 335 -8.22 29.41 5.53
C TYR A 335 -8.47 28.80 4.17
N ALA A 336 -7.41 28.77 3.38
CA ALA A 336 -7.40 28.05 2.12
C ALA A 336 -6.03 27.55 1.72
N LEU A 337 -6.01 26.38 1.07
CA LEU A 337 -4.80 25.79 0.61
C LEU A 337 -4.78 25.69 -0.86
N ALA A 338 -3.59 25.76 -1.46
CA ALA A 338 -3.43 25.57 -2.92
C ALA A 338 -2.27 24.77 -3.28
N THR A 339 -2.37 24.11 -4.42
CA THR A 339 -1.23 23.43 -4.95
C THR A 339 -1.03 23.78 -6.40
N THR A 340 0.25 23.81 -6.81
CA THR A 340 0.62 24.10 -8.17
C THR A 340 2.01 23.61 -8.47
N GLY A 341 2.24 23.15 -9.68
CA GLY A 341 3.55 22.59 -9.98
C GLY A 341 3.58 21.65 -11.16
N VAL A 342 4.66 20.89 -11.24
CA VAL A 342 4.90 19.94 -12.33
C VAL A 342 4.84 18.52 -11.75
N ALA A 343 3.81 17.77 -12.16
CA ALA A 343 3.61 16.40 -11.73
C ALA A 343 4.63 15.46 -12.39
N GLY A 344 5.03 15.74 -13.64
CA GLY A 344 5.66 14.77 -14.52
C GLY A 344 4.60 14.06 -15.35
N PRO A 345 5.01 13.37 -16.42
CA PRO A 345 6.41 13.11 -16.75
C PRO A 345 7.13 14.27 -17.53
N ASP A 346 6.38 15.22 -18.08
CA ASP A 346 6.97 16.26 -18.94
C ASP A 346 7.29 17.56 -18.16
N PRO A 347 8.38 18.27 -18.53
CA PRO A 347 8.59 19.62 -17.93
C PRO A 347 7.46 20.60 -18.31
N LEU A 348 7.27 21.65 -17.52
CA LEU A 348 6.29 22.68 -17.81
C LEU A 348 6.95 24.01 -17.47
N GLU A 349 6.77 24.98 -18.36
CA GLU A 349 7.31 26.36 -18.19
C GLU A 349 8.82 26.31 -17.93
N GLY A 350 9.50 25.37 -18.58
CA GLY A 350 10.92 25.20 -18.37
C GLY A 350 11.28 24.53 -17.03
N GLU A 351 10.32 24.22 -16.14
CA GLU A 351 10.66 23.58 -14.83
C GLU A 351 10.51 22.06 -14.89
N PRO A 352 11.45 21.31 -14.24
CA PRO A 352 11.44 19.83 -14.23
C PRO A 352 10.30 19.23 -13.37
N PRO A 353 9.90 17.97 -13.66
CA PRO A 353 8.93 17.21 -12.78
C PRO A 353 9.35 17.30 -11.35
N GLY A 354 8.40 17.48 -10.45
CA GLY A 354 8.69 17.53 -9.03
C GLY A 354 8.71 18.93 -8.43
N THR A 355 8.72 19.95 -9.29
CA THR A 355 8.80 21.34 -8.82
C THR A 355 7.41 21.72 -8.36
N VAL A 356 7.21 21.95 -7.07
CA VAL A 356 5.84 22.18 -6.63
C VAL A 356 5.81 23.29 -5.65
N TYR A 357 4.74 24.10 -5.72
CA TYR A 357 4.51 25.12 -4.72
C TYR A 357 3.19 24.84 -3.98
N VAL A 358 3.24 24.89 -2.66
CA VAL A 358 1.98 24.80 -1.92
C VAL A 358 1.75 26.09 -1.15
N ALA A 359 0.50 26.45 -0.94
CA ALA A 359 0.30 27.69 -0.20
C ALA A 359 -0.83 27.63 0.71
N LEU A 360 -0.74 28.44 1.75
CA LEU A 360 -1.80 28.61 2.75
C LEU A 360 -2.15 30.08 2.90
N ALA A 361 -3.42 30.44 2.76
CA ALA A 361 -3.84 31.78 3.08
C ALA A 361 -4.75 31.70 4.27
N GLY A 362 -4.63 32.69 5.14
CA GLY A 362 -5.38 32.81 6.34
C GLY A 362 -5.66 34.27 6.55
N PRO A 363 -6.26 34.63 7.72
CA PRO A 363 -6.71 35.96 8.07
C PRO A 363 -5.53 36.91 8.26
N THR A 364 -4.37 36.37 8.65
CA THR A 364 -3.20 37.25 8.92
C THR A 364 -2.20 37.29 7.76
N GLY A 365 -2.51 36.62 6.66
CA GLY A 365 -1.56 36.53 5.55
C GLY A 365 -1.48 35.17 4.93
N ALA A 366 -0.55 35.02 4.01
CA ALA A 366 -0.34 33.77 3.34
C ALA A 366 1.10 33.31 3.49
N GLU A 367 1.34 32.04 3.23
CA GLU A 367 2.74 31.64 3.11
C GLU A 367 2.90 30.56 2.05
N VAL A 368 4.10 30.46 1.48
CA VAL A 368 4.32 29.49 0.42
C VAL A 368 5.49 28.59 0.76
N ARG A 369 5.44 27.34 0.33
CA ARG A 369 6.68 26.50 0.41
C ARG A 369 6.95 25.80 -0.89
N ARG A 370 8.21 25.74 -1.28
CA ARG A 370 8.59 25.18 -2.55
C ARG A 370 9.24 23.81 -2.35
N TYR A 371 8.93 22.84 -3.19
CA TYR A 371 9.62 21.52 -3.10
C TYR A 371 10.15 21.10 -4.47
N ARG A 372 11.16 20.21 -4.44
CA ARG A 372 11.64 19.50 -5.60
C ARG A 372 11.56 17.99 -5.36
N PHE A 373 10.37 17.41 -5.49
CA PHE A 373 10.18 15.96 -5.27
C PHE A 373 10.78 15.15 -6.38
N PRO A 374 11.50 14.10 -6.01
CA PRO A 374 12.18 13.35 -7.06
C PRO A 374 11.35 12.27 -7.80
N GLY A 375 10.19 11.90 -7.30
CA GLY A 375 9.57 10.63 -7.84
C GLY A 375 8.71 10.71 -9.12
N ASP A 376 7.94 9.64 -9.40
CA ASP A 376 7.06 9.62 -10.58
C ASP A 376 5.89 10.51 -10.42
N ARG A 377 5.11 10.65 -11.47
CA ARG A 377 3.85 11.43 -11.43
C ARG A 377 2.95 11.21 -10.20
N GLU A 378 2.60 9.97 -9.92
CA GLU A 378 1.67 9.71 -8.79
C GLU A 378 2.31 10.09 -7.46
N THR A 379 3.59 9.81 -7.28
CA THR A 379 4.22 10.20 -6.00
C THR A 379 4.27 11.71 -5.80
N VAL A 380 4.67 12.40 -6.85
CA VAL A 380 4.69 13.88 -6.79
C VAL A 380 3.35 14.39 -6.38
N ARG A 381 2.29 13.84 -6.99
CA ARG A 381 0.93 14.35 -6.69
C ARG A 381 0.61 14.11 -5.21
N LEU A 382 0.89 12.92 -4.72
CA LEU A 382 0.66 12.65 -3.27
C LEU A 382 1.58 13.43 -2.31
N ARG A 383 2.86 13.61 -2.65
CA ARG A 383 3.73 14.37 -1.73
C ARG A 383 3.21 15.81 -1.58
N SER A 384 2.62 16.31 -2.68
CA SER A 384 2.12 17.69 -2.76
C SER A 384 0.97 17.88 -1.82
N VAL A 385 0.03 16.92 -1.86
CA VAL A 385 -1.12 16.93 -0.96
C VAL A 385 -0.65 17.02 0.50
N TYR A 386 0.25 16.11 0.91
CA TYR A 386 0.75 16.14 2.30
C TYR A 386 1.56 17.39 2.59
N ALA A 387 2.30 17.88 1.58
CA ALA A 387 3.04 19.15 1.77
C ALA A 387 2.08 20.28 2.09
N ALA A 388 0.91 20.30 1.44
CA ALA A 388 -0.07 21.37 1.71
C ALA A 388 -0.68 21.23 3.10
N LEU A 389 -1.10 20.01 3.39
CA LEU A 389 -1.72 19.80 4.72
C LEU A 389 -0.70 20.16 5.81
N ALA A 390 0.57 19.88 5.57
CA ALA A 390 1.59 20.16 6.60
C ALA A 390 1.66 21.66 6.93
N LEU A 391 1.20 22.52 6.02
CA LEU A 391 1.35 23.96 6.24
C LEU A 391 0.52 24.40 7.42
N LEU A 392 -0.59 23.70 7.66
CA LEU A 392 -1.46 24.02 8.77
C LEU A 392 -1.03 23.39 10.08
N VAL A 393 -0.10 22.44 10.06
CA VAL A 393 0.30 21.77 11.30
C VAL A 393 1.80 21.86 11.52
N THR A 394 2.46 22.61 10.64
CA THR A 394 3.93 22.66 10.37
C THR A 394 4.71 21.43 10.71
N MET B 1 15.07 -27.75 -10.93
CA MET B 1 14.68 -26.30 -11.12
C MET B 1 15.36 -25.48 -10.04
N GLU B 2 16.05 -24.43 -10.43
CA GLU B 2 16.74 -23.60 -9.44
C GLU B 2 15.83 -22.66 -8.63
N ARG B 3 16.35 -22.19 -7.51
CA ARG B 3 15.63 -21.39 -6.51
C ARG B 3 15.87 -19.89 -6.65
N ALA B 4 14.81 -19.11 -6.38
CA ALA B 4 14.91 -17.68 -6.09
C ALA B 4 14.62 -17.48 -4.63
N GLU B 5 15.37 -16.62 -3.99
CA GLU B 5 15.11 -16.27 -2.63
C GLU B 5 14.81 -14.81 -2.62
N ILE B 6 13.88 -14.39 -1.77
CA ILE B 6 13.43 -13.02 -1.74
C ILE B 6 13.27 -12.54 -0.31
N LEU B 7 14.04 -11.50 0.05
CA LEU B 7 14.04 -10.99 1.38
C LEU B 7 13.67 -9.55 1.37
N GLY B 8 12.68 -9.15 2.19
CA GLY B 8 12.29 -7.77 2.39
C GLY B 8 12.84 -7.32 3.71
N VAL B 9 13.64 -6.26 3.68
CA VAL B 9 14.34 -5.78 4.83
C VAL B 9 13.57 -4.64 5.46
N GLY B 10 13.44 -4.71 6.79
CA GLY B 10 12.66 -3.78 7.52
C GLY B 10 11.98 -4.34 8.78
N THR B 11 12.36 -3.80 9.93
CA THR B 11 11.75 -4.10 11.20
C THR B 11 10.26 -3.83 11.17
N GLU B 12 9.88 -2.67 10.60
CA GLU B 12 8.45 -2.35 10.36
C GLU B 12 7.69 -3.42 9.56
N LEU B 13 8.34 -4.13 8.66
CA LEU B 13 7.66 -5.27 7.97
C LEU B 13 7.33 -6.51 8.87
N LEU B 14 8.18 -6.82 9.83
CA LEU B 14 7.94 -7.93 10.77
C LEU B 14 6.60 -7.78 11.47
N TYR B 15 6.37 -6.57 11.92
CA TYR B 15 5.19 -6.22 12.65
C TYR B 15 4.03 -5.66 11.84
N GLY B 16 4.17 -5.55 10.51
CA GLY B 16 3.07 -5.04 9.66
C GLY B 16 2.79 -3.54 9.84
N GLU B 17 3.71 -2.82 10.47
CA GLU B 17 3.56 -1.35 10.55
C GLU B 17 3.50 -0.82 9.08
N THR B 18 4.34 -1.37 8.20
CA THR B 18 4.10 -1.43 6.77
C THR B 18 3.96 -2.88 6.32
N LEU B 19 2.89 -3.14 5.59
CA LEU B 19 2.64 -4.45 5.04
C LEU B 19 3.59 -4.74 3.89
N ASP B 20 4.33 -5.84 3.99
CA ASP B 20 5.21 -6.23 2.95
C ASP B 20 4.51 -6.75 1.69
N THR B 21 4.41 -5.88 0.69
CA THR B 21 3.89 -6.24 -0.62
C THR B 21 5.08 -6.53 -1.58
N ASN B 22 6.24 -5.95 -1.32
CA ASN B 22 7.39 -6.15 -2.21
C ASN B 22 7.74 -7.60 -2.46
N THR B 23 7.73 -8.45 -1.42
CA THR B 23 8.26 -9.80 -1.64
C THR B 23 7.32 -10.57 -2.54
N ALA B 24 6.03 -10.39 -2.31
CA ALA B 24 5.03 -11.04 -3.16
C ALA B 24 5.07 -10.44 -4.59
N GLU B 25 5.23 -9.15 -4.72
CA GLU B 25 5.24 -8.58 -6.08
C GLU B 25 6.43 -9.14 -6.88
N ILE B 26 7.60 -9.16 -6.23
CA ILE B 26 8.80 -9.69 -6.86
C ILE B 26 8.63 -11.21 -7.17
N ALA B 27 8.04 -11.94 -6.23
CA ALA B 27 7.74 -13.31 -6.55
C ALA B 27 6.79 -13.35 -7.76
N ARG B 28 5.73 -12.52 -7.78
CA ARG B 28 4.81 -12.58 -8.96
C ARG B 28 5.57 -12.33 -10.26
N SER B 29 6.50 -11.36 -10.26
CA SER B 29 7.26 -11.03 -11.47
C SER B 29 8.16 -12.18 -11.92
N LEU B 30 8.48 -13.10 -11.03
CA LEU B 30 9.36 -14.24 -11.45
C LEU B 30 8.64 -15.39 -12.08
N LYS B 31 7.30 -15.35 -12.10
CA LYS B 31 6.51 -16.44 -12.69
C LYS B 31 6.89 -16.79 -14.15
N PRO B 32 7.34 -15.79 -14.94
CA PRO B 32 7.71 -16.26 -16.31
C PRO B 32 9.07 -16.92 -16.39
N TYR B 33 9.65 -17.24 -15.25
CA TYR B 33 10.99 -17.79 -15.22
C TYR B 33 10.99 -19.11 -14.45
N ALA B 34 11.74 -20.07 -14.98
CA ALA B 34 11.87 -21.38 -14.34
C ALA B 34 12.75 -21.34 -13.04
N LEU B 35 12.25 -20.63 -12.04
CA LEU B 35 12.83 -20.69 -10.73
C LEU B 35 11.72 -21.03 -9.78
N LYS B 36 12.05 -21.78 -8.75
CA LYS B 36 11.13 -22.15 -7.68
C LYS B 36 11.27 -21.16 -6.56
N VAL B 37 10.16 -20.68 -6.01
CA VAL B 37 10.15 -19.90 -4.77
C VAL B 37 9.58 -20.74 -3.62
N GLU B 38 10.41 -21.07 -2.64
CA GLU B 38 10.03 -22.02 -1.59
C GLU B 38 9.62 -21.26 -0.36
N ARG B 39 10.21 -20.08 -0.19
CA ARG B 39 9.88 -19.21 0.90
C ARG B 39 10.22 -17.77 0.56
N THR B 40 9.70 -16.83 1.36
CA THR B 40 10.13 -15.46 1.32
C THR B 40 10.27 -14.99 2.75
N LEU B 41 11.32 -14.20 3.02
CA LEU B 41 11.61 -13.63 4.32
C LEU B 41 11.32 -12.13 4.49
N ARG B 42 10.97 -11.73 5.71
CA ARG B 42 11.10 -10.35 6.14
C ARG B 42 12.12 -10.44 7.27
N VAL B 43 13.14 -9.54 7.23
CA VAL B 43 14.29 -9.57 8.18
C VAL B 43 14.42 -8.20 8.82
N ALA B 44 14.76 -8.18 10.09
CA ALA B 44 14.99 -6.94 10.84
C ALA B 44 16.18 -6.15 10.27
N ASP B 45 16.19 -4.83 10.52
CA ASP B 45 17.29 -3.95 10.09
C ASP B 45 18.43 -4.16 11.07
N GLU B 46 19.12 -5.31 10.97
CA GLU B 46 20.24 -5.61 11.88
C GLU B 46 21.28 -6.41 11.16
N VAL B 47 22.52 -5.93 11.13
CA VAL B 47 23.62 -6.47 10.25
C VAL B 47 23.89 -7.99 10.34
N ALA B 48 24.15 -8.48 11.56
CA ALA B 48 24.58 -9.86 11.76
C ALA B 48 23.46 -10.78 11.34
N PRO B 49 22.22 -10.56 11.87
CA PRO B 49 21.09 -11.39 11.37
C PRO B 49 20.89 -11.28 9.88
N LEU B 50 20.97 -10.07 9.32
CA LEU B 50 20.73 -9.94 7.89
C LEU B 50 21.82 -10.61 7.10
N ALA B 51 23.07 -10.49 7.57
CA ALA B 51 24.21 -11.14 6.88
C ALA B 51 24.09 -12.67 6.83
N ARG B 52 23.57 -13.24 7.90
CA ARG B 52 23.38 -14.69 7.99
C ARG B 52 22.31 -15.13 6.98
N GLU B 53 21.18 -14.43 6.96
CA GLU B 53 20.10 -14.71 5.99
C GLU B 53 20.59 -14.63 4.56
N VAL B 54 21.46 -13.65 4.32
CA VAL B 54 21.95 -13.49 2.94
C VAL B 54 22.92 -14.58 2.59
N GLU B 55 23.83 -14.88 3.51
CA GLU B 55 24.79 -15.94 3.34
C GLU B 55 24.06 -17.24 3.05
N GLU B 56 23.04 -17.55 3.83
CA GLU B 56 22.25 -18.77 3.55
C GLU B 56 21.48 -18.73 2.22
N ALA B 57 20.82 -17.61 1.92
CA ALA B 57 20.02 -17.55 0.70
C ALA B 57 20.92 -17.71 -0.50
N PHE B 58 22.06 -17.04 -0.50
CA PHE B 58 22.96 -17.10 -1.60
C PHE B 58 23.52 -18.51 -1.85
N ALA B 59 23.88 -19.23 -0.80
CA ALA B 59 24.42 -20.59 -0.97
C ALA B 59 23.41 -21.57 -1.66
N ARG B 60 22.11 -21.38 -1.42
CA ARG B 60 21.12 -22.26 -2.00
C ARG B 60 20.49 -21.78 -3.33
N ALA B 61 20.74 -20.53 -3.73
CA ALA B 61 19.91 -19.94 -4.80
C ALA B 61 20.63 -19.54 -6.09
N ARG B 62 19.96 -19.70 -7.21
CA ARG B 62 20.37 -19.10 -8.47
C ARG B 62 20.24 -17.54 -8.40
N LEU B 63 19.29 -17.06 -7.61
CA LEU B 63 18.94 -15.62 -7.57
C LEU B 63 18.49 -15.24 -6.19
N VAL B 64 19.07 -14.17 -5.66
CA VAL B 64 18.57 -13.61 -4.44
C VAL B 64 18.21 -12.15 -4.70
N VAL B 65 16.99 -11.77 -4.35
CA VAL B 65 16.61 -10.37 -4.45
C VAL B 65 16.32 -9.84 -3.10
N LEU B 66 16.87 -8.67 -2.76
CA LEU B 66 16.50 -7.96 -1.51
C LEU B 66 15.85 -6.59 -1.75
N SER B 67 15.05 -6.12 -0.78
CA SER B 67 14.44 -4.78 -0.88
C SER B 67 14.66 -4.11 0.47
N GLY B 68 14.90 -2.80 0.47
CA GLY B 68 14.91 -2.07 1.75
C GLY B 68 16.34 -1.91 2.29
N GLY B 69 16.51 -0.92 3.14
CA GLY B 69 17.67 -0.73 3.96
C GLY B 69 18.83 -0.23 3.14
N LEU B 70 18.54 0.46 2.03
CA LEU B 70 19.58 1.13 1.23
C LEU B 70 19.73 2.64 1.54
N GLY B 71 19.10 3.11 2.60
CA GLY B 71 19.14 4.52 2.95
C GLY B 71 20.37 5.00 3.74
N PRO B 72 20.27 6.20 4.31
CA PRO B 72 21.44 6.80 4.94
C PRO B 72 21.55 6.66 6.48
N THR B 73 20.64 5.96 7.16
CA THR B 73 20.55 6.05 8.62
C THR B 73 21.25 4.83 9.30
N PRO B 74 21.38 4.83 10.65
CA PRO B 74 21.91 3.61 11.19
C PRO B 74 20.92 2.40 11.00
N ASP B 75 19.66 2.62 10.64
CA ASP B 75 18.78 1.49 10.33
C ASP B 75 18.84 0.98 8.92
N ASP B 76 19.74 1.55 8.12
CA ASP B 76 19.92 1.11 6.75
C ASP B 76 21.19 0.28 6.62
N VAL B 77 21.08 -1.03 6.54
CA VAL B 77 22.27 -1.84 6.72
C VAL B 77 22.44 -2.94 5.68
N THR B 78 21.54 -2.98 4.69
CA THR B 78 21.64 -3.98 3.68
C THR B 78 23.06 -4.10 3.02
N ARG B 79 23.72 -2.97 2.76
CA ARG B 79 25.02 -3.02 2.01
C ARG B 79 26.10 -3.64 2.92
N GLU B 80 26.26 -3.10 4.13
CA GLU B 80 27.18 -3.69 5.12
C GLU B 80 26.96 -5.23 5.27
N ALA B 81 25.71 -5.65 5.48
CA ALA B 81 25.35 -7.05 5.60
C ALA B 81 25.73 -7.88 4.39
N VAL B 82 25.32 -7.45 3.19
CA VAL B 82 25.69 -8.16 1.96
C VAL B 82 27.20 -8.21 1.81
N ALA B 83 27.88 -7.14 2.17
CA ALA B 83 29.36 -7.12 2.08
C ALA B 83 29.91 -8.21 3.03
N LEU B 84 29.43 -8.23 4.27
CA LEU B 84 29.80 -9.27 5.22
C LEU B 84 29.49 -10.70 4.69
N ALA B 85 28.28 -10.92 4.19
CA ALA B 85 27.87 -12.22 3.66
C ALA B 85 28.72 -12.69 2.46
N LEU B 86 29.18 -11.78 1.63
CA LEU B 86 29.98 -12.20 0.48
C LEU B 86 31.48 -12.06 0.74
N GLY B 87 31.86 -11.61 1.93
CA GLY B 87 33.28 -11.46 2.33
C GLY B 87 34.09 -10.48 1.49
N GLU B 88 33.47 -9.33 1.16
CA GLU B 88 34.13 -8.29 0.40
C GLU B 88 34.03 -7.01 1.17
N PRO B 89 35.01 -6.10 0.97
CA PRO B 89 34.99 -4.80 1.67
C PRO B 89 34.10 -3.78 0.95
N LEU B 90 33.62 -2.78 1.68
CA LEU B 90 32.94 -1.63 1.06
C LEU B 90 33.97 -0.62 0.56
N GLU B 91 33.79 -0.20 -0.70
CA GLU B 91 34.59 0.85 -1.36
C GLU B 91 33.70 2.02 -1.76
N LEU B 92 34.17 3.25 -1.48
CA LEU B 92 33.47 4.46 -1.87
C LEU B 92 33.62 4.68 -3.37
N ASP B 93 32.50 4.84 -4.09
CA ASP B 93 32.58 5.21 -5.51
C ASP B 93 32.35 6.74 -5.65
N GLU B 94 33.42 7.45 -6.03
CA GLU B 94 33.44 8.92 -6.07
C GLU B 94 32.42 9.46 -7.06
N ALA B 95 32.25 8.79 -8.19
CA ALA B 95 31.30 9.23 -9.21
C ALA B 95 29.86 9.23 -8.71
N VAL B 96 29.51 8.24 -7.88
CA VAL B 96 28.13 8.14 -7.38
C VAL B 96 27.91 9.12 -6.24
N LEU B 97 28.91 9.23 -5.37
CA LEU B 97 29.01 10.34 -4.44
C LEU B 97 28.70 11.73 -5.05
N GLY B 98 29.29 12.02 -6.21
CA GLY B 98 29.07 13.29 -6.89
C GLY B 98 27.64 13.39 -7.37
N GLU B 99 27.08 12.28 -7.83
CA GLU B 99 25.67 12.26 -8.27
C GLU B 99 24.75 12.55 -7.08
N ILE B 100 25.17 12.13 -5.90
CA ILE B 100 24.37 12.40 -4.71
C ILE B 100 24.51 13.83 -4.25
N GLU B 101 25.72 14.39 -4.30
CA GLU B 101 25.87 15.79 -3.92
C GLU B 101 25.03 16.70 -4.86
N ALA B 102 25.06 16.39 -6.14
CA ALA B 102 24.31 17.16 -7.16
C ALA B 102 22.83 17.08 -6.93
N PHE B 103 22.39 15.95 -6.40
CA PHE B 103 20.98 15.80 -6.17
C PHE B 103 20.60 16.79 -5.07
N PHE B 104 21.47 16.93 -4.08
CA PHE B 104 21.19 17.84 -3.00
C PHE B 104 21.42 19.32 -3.42
N ARG B 105 22.50 19.60 -4.13
CA ARG B 105 22.77 20.95 -4.63
C ARG B 105 21.51 21.46 -5.41
N ALA B 106 20.98 20.62 -6.30
CA ALA B 106 19.78 20.97 -7.09
C ALA B 106 18.63 21.43 -6.20
N ARG B 107 18.65 21.04 -4.93
CA ARG B 107 17.58 21.45 -4.02
C ARG B 107 18.06 22.61 -3.13
N GLY B 108 19.21 23.18 -3.48
CA GLY B 108 19.77 24.24 -2.64
C GLY B 108 19.95 23.76 -1.24
N ARG B 109 20.39 22.50 -1.08
CA ARG B 109 20.81 21.99 0.26
C ARG B 109 22.23 21.44 0.21
N ALA B 110 22.86 21.50 1.37
CA ALA B 110 24.13 20.82 1.61
C ALA B 110 23.83 19.30 1.87
N MET B 111 24.51 18.40 1.15
CA MET B 111 24.43 16.93 1.46
C MET B 111 24.95 16.58 2.82
N PRO B 112 24.10 16.00 3.63
CA PRO B 112 24.50 15.63 4.99
C PRO B 112 25.47 14.44 4.95
N GLU B 113 26.45 14.38 5.87
CA GLU B 113 27.58 13.48 5.64
C GLU B 113 27.12 12.01 5.58
N ALA B 114 26.22 11.66 6.48
CA ALA B 114 25.57 10.34 6.51
C ALA B 114 25.27 9.71 5.16
N ASN B 115 24.81 10.52 4.21
CA ASN B 115 24.53 10.04 2.84
C ASN B 115 25.65 9.30 2.13
N ARG B 116 26.89 9.48 2.59
CA ARG B 116 28.08 8.94 1.90
C ARG B 116 27.92 7.45 1.77
N LYS B 117 27.33 6.84 2.79
CA LYS B 117 27.26 5.39 2.75
C LYS B 117 26.41 4.84 1.58
N GLN B 118 25.60 5.68 0.95
CA GLN B 118 24.86 5.27 -0.22
C GLN B 118 25.73 5.12 -1.46
N ALA B 119 26.89 5.74 -1.44
CA ALA B 119 27.80 5.65 -2.56
C ALA B 119 28.71 4.43 -2.40
N MET B 120 28.38 3.58 -1.44
CA MET B 120 29.29 2.53 -1.11
C MET B 120 29.00 1.22 -1.85
N ARG B 121 30.01 0.55 -2.40
CA ARG B 121 29.77 -0.79 -3.06
C ARG B 121 30.90 -1.79 -2.80
N ILE B 122 30.61 -3.06 -3.09
CA ILE B 122 31.60 -4.14 -3.05
C ILE B 122 32.13 -4.35 -4.46
N PRO B 123 33.38 -4.83 -4.60
CA PRO B 123 33.98 -5.01 -5.94
C PRO B 123 33.17 -5.80 -6.98
N SER B 124 32.35 -6.79 -6.58
CA SER B 124 31.61 -7.55 -7.62
C SER B 124 30.26 -6.90 -7.88
N ALA B 125 29.89 -5.86 -7.14
CA ALA B 125 28.61 -5.15 -7.45
C ALA B 125 28.70 -4.17 -8.65
N THR B 126 27.75 -4.23 -9.58
CA THR B 126 27.50 -3.14 -10.57
C THR B 126 26.37 -2.21 -10.02
N TRP B 127 26.33 -0.95 -10.45
CA TRP B 127 25.31 -0.04 -9.90
C TRP B 127 24.04 -0.17 -10.66
N LEU B 128 22.92 -0.07 -9.94
CA LEU B 128 21.60 0.08 -10.57
C LEU B 128 21.12 1.48 -10.28
N LYS B 129 20.91 2.24 -11.35
CA LYS B 129 20.68 3.66 -11.23
C LYS B 129 19.28 3.86 -10.68
N ASN B 130 19.16 4.82 -9.78
CA ASN B 130 17.88 5.19 -9.18
C ASN B 130 17.62 6.69 -9.33
N PRO B 131 17.02 7.10 -10.45
CA PRO B 131 16.81 8.54 -10.68
C PRO B 131 15.77 9.13 -9.68
N ARG B 132 15.01 8.26 -9.01
CA ARG B 132 13.94 8.77 -8.13
C ARG B 132 14.28 8.90 -6.64
N GLY B 133 15.55 8.97 -6.28
CA GLY B 133 15.88 9.16 -4.86
C GLY B 133 17.37 9.19 -4.82
N THR B 134 17.92 9.12 -3.61
CA THR B 134 19.37 9.04 -3.42
C THR B 134 19.97 7.58 -3.31
N ALA B 135 19.12 6.56 -3.22
CA ALA B 135 19.67 5.19 -2.98
C ALA B 135 19.73 4.37 -4.25
N PRO B 136 20.93 4.27 -4.82
CA PRO B 136 21.09 3.41 -5.98
C PRO B 136 21.11 1.93 -5.59
N GLY B 137 20.79 1.04 -6.55
CA GLY B 137 20.81 -0.41 -6.35
C GLY B 137 22.14 -1.12 -6.60
N TRP B 138 22.21 -2.43 -6.29
CA TRP B 138 23.36 -3.29 -6.66
C TRP B 138 22.95 -4.43 -7.51
N TRP B 139 23.84 -4.83 -8.38
CA TRP B 139 23.71 -6.08 -9.04
C TRP B 139 25.04 -6.82 -9.04
N VAL B 140 25.09 -7.87 -8.21
CA VAL B 140 26.25 -8.71 -8.02
C VAL B 140 26.05 -9.97 -8.83
N ARG B 141 26.94 -10.23 -9.77
CA ARG B 141 27.00 -11.53 -10.40
C ARG B 141 28.24 -12.17 -9.83
N LYS B 142 28.11 -13.37 -9.28
CA LYS B 142 29.26 -14.08 -8.70
C LYS B 142 28.99 -15.57 -8.73
N GLY B 143 30.00 -16.35 -9.10
CA GLY B 143 29.85 -17.76 -9.37
C GLY B 143 28.56 -18.22 -10.01
N GLY B 144 28.23 -17.74 -11.21
CA GLY B 144 26.96 -18.12 -11.84
C GLY B 144 25.67 -17.56 -11.21
N LYS B 145 25.78 -16.92 -10.04
CA LYS B 145 24.62 -16.46 -9.29
C LYS B 145 24.38 -14.93 -9.35
N ASP B 146 23.12 -14.53 -9.19
CA ASP B 146 22.78 -13.10 -9.10
C ASP B 146 22.21 -12.74 -7.78
N LEU B 147 22.71 -11.65 -7.21
CA LEU B 147 22.14 -11.00 -6.06
C LEU B 147 21.81 -9.52 -6.34
N VAL B 148 20.56 -9.14 -6.27
CA VAL B 148 20.16 -7.78 -6.61
C VAL B 148 19.65 -7.06 -5.37
N LEU B 149 20.21 -5.88 -5.06
CA LEU B 149 19.69 -5.02 -4.01
C LEU B 149 18.78 -3.90 -4.57
N LEU B 150 17.61 -3.74 -3.98
CA LEU B 150 16.64 -2.80 -4.45
C LEU B 150 16.18 -1.90 -3.31
N PRO B 151 15.82 -0.62 -3.61
CA PRO B 151 15.35 0.27 -2.50
C PRO B 151 14.01 -0.15 -2.07
N GLY B 152 13.62 0.18 -0.84
CA GLY B 152 12.30 -0.19 -0.33
C GLY B 152 11.03 0.34 -1.01
N PRO B 153 10.89 1.68 -1.13
CA PRO B 153 9.70 2.20 -1.82
C PRO B 153 9.51 1.60 -3.23
N PRO B 154 8.32 1.05 -3.53
CA PRO B 154 7.93 0.58 -4.89
C PRO B 154 8.15 1.58 -6.07
N PRO B 155 7.80 2.86 -5.86
CA PRO B 155 8.01 3.89 -6.87
C PRO B 155 9.47 3.97 -7.26
N GLU B 156 10.39 3.63 -6.33
CA GLU B 156 11.81 3.52 -6.68
C GLU B 156 12.18 2.19 -7.36
N TRP B 157 11.79 1.06 -6.80
CA TRP B 157 12.42 -0.16 -7.28
C TRP B 157 11.77 -0.75 -8.48
N ARG B 158 10.47 -0.53 -8.67
CA ARG B 158 9.76 -1.13 -9.81
C ARG B 158 10.45 -0.89 -11.14
N PRO B 159 10.82 0.38 -11.41
CA PRO B 159 11.49 0.60 -12.70
C PRO B 159 12.85 -0.03 -12.74
N MET B 160 13.58 0.03 -11.61
CA MET B 160 14.89 -0.54 -11.48
C MET B 160 14.86 -2.04 -11.79
N TRP B 161 13.82 -2.68 -11.29
CA TRP B 161 13.66 -4.12 -11.40
C TRP B 161 13.28 -4.51 -12.80
N GLN B 162 12.31 -3.78 -13.36
CA GLN B 162 11.94 -3.89 -14.78
C GLN B 162 13.17 -3.88 -15.67
N GLU B 163 14.04 -2.93 -15.41
CA GLU B 163 15.29 -2.81 -16.17
C GLU B 163 16.25 -4.01 -15.98
N VAL B 164 16.44 -4.50 -14.75
CA VAL B 164 17.51 -5.46 -14.57
C VAL B 164 17.06 -6.91 -14.86
N LEU B 165 15.81 -7.18 -14.58
CA LEU B 165 15.29 -8.53 -14.68
C LEU B 165 15.68 -9.27 -16.00
N PRO B 166 15.27 -8.74 -17.18
CA PRO B 166 15.63 -9.38 -18.48
C PRO B 166 17.14 -9.70 -18.65
N ARG B 167 17.97 -8.83 -18.12
CA ARG B 167 19.41 -8.94 -18.27
C ARG B 167 20.02 -10.07 -17.44
N LEU B 168 19.27 -10.62 -16.49
CA LEU B 168 19.84 -11.58 -15.53
C LEU B 168 20.14 -12.90 -16.23
N GLY B 169 19.55 -13.09 -17.40
CA GLY B 169 19.77 -14.34 -18.17
C GLY B 169 19.14 -15.57 -17.50
N LEU B 170 18.08 -15.37 -16.72
CA LEU B 170 17.34 -16.49 -16.11
C LEU B 170 16.64 -17.32 -17.21
N PRO B 171 16.60 -18.67 -17.04
CA PRO B 171 15.82 -19.55 -17.96
C PRO B 171 14.33 -19.24 -17.95
N ARG B 172 13.74 -19.17 -19.14
CA ARG B 172 12.35 -18.76 -19.29
C ARG B 172 11.39 -19.92 -19.16
N ARG B 173 10.14 -19.66 -18.84
CA ARG B 173 9.12 -20.65 -19.07
C ARG B 173 7.90 -19.95 -19.67
N PRO B 174 7.18 -20.61 -20.61
CA PRO B 174 6.06 -19.93 -21.31
C PRO B 174 4.81 -19.78 -20.42
N TYR B 175 4.91 -18.86 -19.47
CA TYR B 175 3.84 -18.46 -18.57
C TYR B 175 3.20 -17.12 -18.97
N ALA B 176 1.86 -17.04 -18.97
CA ALA B 176 1.12 -15.77 -19.14
C ALA B 176 0.05 -15.47 -18.06
N GLU B 177 -0.29 -14.16 -17.91
CA GLU B 177 -1.53 -13.70 -17.21
C GLU B 177 -2.34 -12.82 -18.13
N ARG B 178 -3.64 -13.06 -18.24
CA ARG B 178 -4.54 -12.11 -18.91
C ARG B 178 -5.54 -11.64 -17.88
N VAL B 179 -5.71 -10.33 -17.73
CA VAL B 179 -6.67 -9.80 -16.76
C VAL B 179 -7.80 -9.09 -17.57
N LEU B 180 -9.03 -9.57 -17.45
CA LEU B 180 -10.19 -8.98 -18.14
C LEU B 180 -11.07 -8.32 -17.10
N LYS B 181 -11.42 -7.05 -17.31
CA LYS B 181 -12.07 -6.29 -16.28
C LYS B 181 -13.50 -6.04 -16.73
N THR B 182 -14.44 -6.16 -15.81
CA THR B 182 -15.86 -5.97 -16.12
C THR B 182 -16.46 -4.91 -15.19
N TRP B 183 -17.71 -4.59 -15.45
CA TRP B 183 -18.42 -3.72 -14.59
C TRP B 183 -19.87 -4.09 -14.59
N GLY B 184 -20.49 -3.98 -13.41
CA GLY B 184 -21.95 -4.10 -13.23
C GLY B 184 -22.49 -5.51 -13.39
N ILE B 185 -21.86 -6.48 -12.70
CA ILE B 185 -22.17 -7.92 -12.80
C ILE B 185 -21.37 -8.64 -11.72
N GLY B 186 -22.04 -9.37 -10.82
CA GLY B 186 -21.35 -10.01 -9.67
C GLY B 186 -20.58 -11.27 -10.05
N GLU B 187 -19.77 -11.78 -9.14
CA GLU B 187 -18.98 -13.00 -9.39
C GLU B 187 -19.83 -14.20 -9.88
N SER B 188 -20.88 -14.53 -9.11
CA SER B 188 -21.73 -15.67 -9.49
C SER B 188 -22.25 -15.58 -10.93
N GLU B 189 -22.88 -14.47 -11.29
CA GLU B 189 -23.41 -14.33 -12.65
C GLU B 189 -22.34 -14.49 -13.71
N ILE B 190 -21.08 -14.26 -13.32
CA ILE B 190 -19.93 -14.43 -14.22
C ILE B 190 -19.59 -15.91 -14.36
N VAL B 191 -19.40 -16.55 -13.21
CA VAL B 191 -19.15 -18.00 -13.19
C VAL B 191 -20.24 -18.72 -14.03
N GLU B 192 -21.50 -18.32 -13.83
CA GLU B 192 -22.66 -18.91 -14.53
C GLU B 192 -22.59 -18.74 -16.04
N ARG B 193 -22.40 -17.50 -16.47
CA ARG B 193 -22.33 -17.18 -17.88
C ARG B 193 -21.22 -18.03 -18.56
N LEU B 194 -20.12 -18.28 -17.84
CA LEU B 194 -18.92 -18.91 -18.44
C LEU B 194 -19.17 -20.41 -18.61
N GLY B 195 -19.80 -21.00 -17.60
CA GLY B 195 -20.06 -22.41 -17.56
C GLY B 195 -18.74 -23.16 -17.59
N PRO B 196 -18.55 -24.03 -18.63
CA PRO B 196 -17.39 -24.91 -18.75
C PRO B 196 -16.06 -24.11 -18.93
N LEU B 197 -16.15 -22.94 -19.55
CA LEU B 197 -14.96 -22.09 -19.72
C LEU B 197 -14.30 -21.71 -18.37
N PHE B 198 -15.04 -21.83 -17.27
CA PHE B 198 -14.50 -21.56 -15.92
C PHE B 198 -13.59 -22.69 -15.39
N VAL B 199 -12.69 -23.19 -16.24
CA VAL B 199 -11.76 -24.30 -15.90
C VAL B 199 -10.75 -23.96 -14.81
N ARG B 200 -10.34 -24.95 -14.03
CA ARG B 200 -9.24 -24.77 -13.05
C ARG B 200 -8.34 -26.02 -12.99
N GLU B 201 -7.27 -26.04 -13.81
CA GLU B 201 -6.34 -27.19 -13.96
C GLU B 201 -4.89 -26.81 -13.52
N GLU B 202 -3.94 -27.74 -13.69
CA GLU B 202 -2.50 -27.45 -13.50
C GLU B 202 -1.95 -26.59 -14.66
N GLU B 203 -2.50 -26.80 -15.86
CA GLU B 203 -2.11 -26.01 -17.05
C GLU B 203 -2.65 -24.53 -17.10
N VAL B 204 -3.96 -24.34 -17.04
CA VAL B 204 -4.59 -23.00 -17.01
C VAL B 204 -5.69 -22.86 -15.95
N GLU B 205 -5.76 -21.72 -15.29
CA GLU B 205 -6.87 -21.47 -14.37
C GLU B 205 -7.49 -20.08 -14.47
N VAL B 206 -8.76 -20.02 -14.10
CA VAL B 206 -9.56 -18.84 -14.25
C VAL B 206 -10.10 -18.49 -12.86
N GLY B 207 -9.97 -17.22 -12.48
CA GLY B 207 -10.48 -16.72 -11.20
C GLY B 207 -11.33 -15.45 -11.36
N THR B 208 -12.28 -15.23 -10.43
CA THR B 208 -12.92 -13.91 -10.28
C THR B 208 -12.34 -13.12 -9.11
N TYR B 209 -12.00 -11.87 -9.31
CA TYR B 209 -11.52 -11.06 -8.18
C TYR B 209 -12.35 -9.82 -8.17
N PRO B 210 -13.13 -9.61 -7.10
CA PRO B 210 -13.90 -8.40 -6.95
C PRO B 210 -13.00 -7.23 -6.59
N LYS B 211 -13.17 -6.14 -7.30
CA LYS B 211 -12.40 -4.92 -7.06
C LYS B 211 -13.31 -3.68 -7.12
N VAL B 212 -12.84 -2.53 -6.61
CA VAL B 212 -13.71 -1.34 -6.54
C VAL B 212 -14.11 -0.87 -7.97
N HIS B 213 -13.28 -1.21 -8.97
CA HIS B 213 -13.58 -0.92 -10.38
C HIS B 213 -14.27 -2.09 -11.08
N GLY B 214 -15.10 -2.86 -10.38
CA GLY B 214 -15.76 -3.99 -11.08
C GLY B 214 -15.01 -5.31 -10.89
N VAL B 215 -15.67 -6.41 -11.25
CA VAL B 215 -15.07 -7.74 -11.07
C VAL B 215 -14.08 -8.07 -12.17
N GLU B 216 -12.85 -8.44 -11.80
CA GLU B 216 -11.84 -8.85 -12.80
C GLU B 216 -11.94 -10.37 -12.98
N VAL B 217 -11.73 -10.83 -14.20
CA VAL B 217 -11.60 -12.27 -14.47
C VAL B 217 -10.15 -12.50 -14.94
N VAL B 218 -9.38 -13.21 -14.11
CA VAL B 218 -7.98 -13.46 -14.34
C VAL B 218 -7.73 -14.88 -14.90
N VAL B 219 -7.19 -14.94 -16.12
CA VAL B 219 -6.72 -16.18 -16.71
C VAL B 219 -5.17 -16.32 -16.56
N ARG B 220 -4.69 -17.43 -16.00
CA ARG B 220 -3.23 -17.60 -15.86
C ARG B 220 -2.72 -19.02 -15.94
N GLY B 221 -1.41 -19.13 -16.22
CA GLY B 221 -0.73 -20.40 -16.43
C GLY B 221 0.03 -20.40 -17.74
N ARG B 222 -0.05 -21.51 -18.47
CA ARG B 222 0.76 -21.72 -19.67
C ARG B 222 0.28 -20.81 -20.74
N GLU B 223 1.24 -20.13 -21.36
CA GLU B 223 1.00 -19.04 -22.26
C GLU B 223 -0.03 -19.39 -23.31
N ASP B 224 0.14 -20.53 -23.95
CA ASP B 224 -0.68 -20.84 -25.09
C ASP B 224 -2.11 -21.11 -24.67
N ARG B 225 -2.25 -21.73 -23.51
CA ARG B 225 -3.58 -22.06 -22.99
C ARG B 225 -4.31 -20.81 -22.50
N VAL B 226 -3.61 -19.94 -21.76
CA VAL B 226 -4.12 -18.63 -21.35
C VAL B 226 -4.62 -17.87 -22.59
N ALA B 227 -3.91 -18.00 -23.69
CA ALA B 227 -4.27 -17.29 -24.89
C ALA B 227 -5.60 -17.80 -25.50
N GLU B 228 -5.69 -19.09 -25.79
CA GLU B 228 -6.90 -19.61 -26.42
C GLU B 228 -8.10 -19.32 -25.48
N LEU B 229 -7.92 -19.68 -24.21
CA LEU B 229 -8.98 -19.58 -23.17
C LEU B 229 -9.51 -18.16 -22.91
N ALA B 230 -8.62 -17.21 -22.66
CA ALA B 230 -9.03 -15.82 -22.50
C ALA B 230 -9.75 -15.27 -23.72
N GLU B 231 -9.38 -15.73 -24.92
CA GLU B 231 -10.03 -15.30 -26.18
C GLU B 231 -11.52 -15.66 -26.19
N ARG B 232 -11.81 -16.88 -25.74
CA ARG B 232 -13.18 -17.36 -25.66
C ARG B 232 -13.97 -16.67 -24.53
N ILE B 233 -13.28 -16.26 -23.46
CA ILE B 233 -13.93 -15.67 -22.27
C ILE B 233 -14.38 -14.22 -22.51
N LYS B 234 -13.50 -13.45 -23.15
CA LYS B 234 -13.83 -12.12 -23.66
C LYS B 234 -15.02 -12.26 -24.59
N LYS B 235 -15.00 -13.32 -25.40
CA LYS B 235 -16.05 -13.62 -26.36
C LYS B 235 -17.41 -13.72 -25.65
N LYS B 236 -17.48 -14.60 -24.66
CA LYS B 236 -18.73 -14.89 -23.97
C LYS B 236 -19.15 -13.76 -23.01
N LEU B 237 -18.18 -12.91 -22.60
CA LEU B 237 -18.45 -11.72 -21.73
C LEU B 237 -18.43 -10.38 -22.47
N LEU B 238 -18.69 -10.43 -23.77
CA LEU B 238 -18.46 -9.27 -24.64
C LEU B 238 -19.15 -8.04 -24.13
N LYS B 239 -20.33 -8.21 -23.53
CA LYS B 239 -21.10 -7.07 -23.05
C LYS B 239 -20.52 -6.40 -21.79
N GLU B 240 -19.84 -7.14 -20.92
CA GLU B 240 -19.44 -6.60 -19.58
C GLU B 240 -17.96 -6.20 -19.46
N VAL B 241 -17.15 -6.66 -20.40
CA VAL B 241 -15.72 -6.38 -20.41
C VAL B 241 -15.50 -4.98 -21.00
N TRP B 242 -14.96 -4.07 -20.21
CA TRP B 242 -14.61 -2.73 -20.69
C TRP B 242 -13.16 -2.54 -21.08
N GLY B 243 -12.28 -3.47 -20.71
CA GLY B 243 -10.81 -3.25 -20.82
C GLY B 243 -10.03 -4.47 -20.38
N GLU B 244 -8.71 -4.45 -20.60
CA GLU B 244 -7.81 -5.57 -20.28
C GLU B 244 -6.46 -5.05 -19.85
N GLY B 245 -5.71 -5.90 -19.17
CA GLY B 245 -4.36 -5.59 -18.71
C GLY B 245 -4.31 -4.30 -17.96
N GLU B 246 -3.57 -3.35 -18.51
CA GLU B 246 -3.29 -2.13 -17.78
C GLU B 246 -4.33 -1.01 -18.04
N MET B 247 -5.31 -1.30 -18.90
CA MET B 247 -6.41 -0.38 -19.16
C MET B 247 -7.20 -0.13 -17.85
N THR B 248 -7.47 1.14 -17.56
CA THR B 248 -8.20 1.58 -16.39
C THR B 248 -9.43 2.31 -16.95
N LEU B 249 -10.42 2.53 -16.11
CA LEU B 249 -11.58 3.38 -16.49
C LEU B 249 -11.17 4.87 -16.85
N ALA B 250 -10.26 5.48 -16.09
CA ALA B 250 -9.84 6.85 -16.41
C ALA B 250 -9.22 6.87 -17.83
N GLU B 251 -8.50 5.82 -18.20
CA GLU B 251 -7.83 5.79 -19.51
C GLU B 251 -8.82 5.51 -20.67
N ALA B 252 -9.89 4.77 -20.40
CA ALA B 252 -10.89 4.56 -21.39
C ALA B 252 -11.66 5.86 -21.63
N VAL B 253 -11.89 6.61 -20.57
CA VAL B 253 -12.52 7.95 -20.68
C VAL B 253 -11.64 8.92 -21.53
N LYS B 254 -10.33 8.94 -21.26
CA LYS B 254 -9.37 9.73 -22.05
C LYS B 254 -9.47 9.34 -23.51
N ARG B 255 -9.48 8.04 -23.83
CA ARG B 255 -9.55 7.67 -25.24
C ARG B 255 -10.88 8.05 -25.88
N ARG B 256 -11.99 8.00 -25.14
CA ARG B 256 -13.24 8.46 -25.71
C ARG B 256 -13.22 9.98 -25.91
N MET B 257 -12.73 10.72 -24.93
CA MET B 257 -12.68 12.20 -25.06
C MET B 257 -11.84 12.67 -26.26
N GLU B 258 -10.68 12.05 -26.50
CA GLU B 258 -9.81 12.40 -27.64
C GLU B 258 -10.29 11.96 -29.01
N ARG B 259 -10.93 10.81 -29.08
CA ARG B 259 -11.66 10.37 -30.25
C ARG B 259 -12.68 11.44 -30.70
N GLU B 260 -13.49 11.93 -29.76
CA GLU B 260 -14.64 12.84 -30.05
C GLU B 260 -14.24 14.30 -30.11
N GLY B 261 -13.00 14.58 -29.74
CA GLY B 261 -12.52 15.96 -29.55
C GLY B 261 -13.37 16.69 -28.54
N ALA B 262 -13.61 16.05 -27.38
CA ALA B 262 -14.59 16.49 -26.42
C ALA B 262 -13.91 16.87 -25.13
N THR B 263 -14.59 17.68 -24.28
CA THR B 263 -14.04 18.01 -23.00
C THR B 263 -14.91 17.49 -21.84
N LEU B 264 -14.32 17.49 -20.62
CA LEU B 264 -14.96 17.01 -19.38
C LEU B 264 -14.74 17.94 -18.20
N SER B 265 -15.75 18.06 -17.34
CA SER B 265 -15.58 18.65 -16.01
C SER B 265 -16.38 17.86 -14.96
N THR B 266 -16.29 18.25 -13.68
CA THR B 266 -16.89 17.38 -12.64
C THR B 266 -17.42 18.24 -11.57
N MET B 267 -18.56 17.86 -10.98
CA MET B 267 -18.92 18.44 -9.67
C MET B 267 -19.14 17.35 -8.61
N GLU B 268 -18.45 17.44 -7.46
CA GLU B 268 -18.39 16.29 -6.47
C GLU B 268 -18.78 16.68 -5.07
N SER B 269 -19.66 15.89 -4.43
CA SER B 269 -19.84 16.02 -2.98
C SER B 269 -19.08 14.83 -2.33
N LEU B 270 -19.70 13.64 -2.25
CA LEU B 270 -19.17 12.62 -1.31
C LEU B 270 -17.79 12.19 -1.62
N THR B 271 -17.46 12.17 -2.91
CA THR B 271 -16.12 11.77 -3.34
C THR B 271 -14.97 12.79 -3.01
N GLY B 272 -15.32 14.02 -2.62
CA GLY B 272 -14.41 15.06 -2.18
C GLY B 272 -13.24 15.51 -3.07
N GLY B 273 -13.26 15.14 -4.34
CA GLY B 273 -12.13 15.40 -5.22
C GLY B 273 -11.60 14.13 -5.86
N LEU B 274 -11.96 12.99 -5.26
CA LEU B 274 -11.34 11.75 -5.71
C LEU B 274 -11.61 11.48 -7.19
N LEU B 275 -12.73 11.97 -7.72
CA LEU B 275 -13.05 11.65 -9.10
C LEU B 275 -12.17 12.51 -10.02
N GLY B 276 -12.02 13.79 -9.71
CA GLY B 276 -11.00 14.59 -10.40
C GLY B 276 -9.65 13.93 -10.28
N ALA B 277 -9.29 13.58 -9.05
CA ALA B 277 -7.98 12.91 -8.79
C ALA B 277 -7.79 11.74 -9.73
N GLU B 278 -8.84 10.97 -9.87
CA GLU B 278 -8.69 9.76 -10.68
C GLU B 278 -8.67 10.06 -12.23
N ILE B 279 -9.43 11.05 -12.68
CA ILE B 279 -9.35 11.42 -14.07
C ILE B 279 -7.91 11.86 -14.37
N THR B 280 -7.35 12.67 -13.49
CA THR B 280 -6.01 13.31 -13.76
C THR B 280 -4.82 12.41 -13.47
N ARG B 281 -5.09 11.21 -12.98
CA ARG B 281 -3.97 10.28 -12.64
C ARG B 281 -3.22 9.99 -13.94
N VAL B 282 -3.97 9.86 -15.03
CA VAL B 282 -3.42 9.41 -16.32
C VAL B 282 -2.69 10.55 -17.06
N PRO B 283 -1.46 10.32 -17.54
CA PRO B 283 -0.77 11.46 -18.21
C PRO B 283 -1.52 11.95 -19.47
N GLY B 284 -1.61 13.26 -19.68
CA GLY B 284 -2.33 13.78 -20.86
C GLY B 284 -3.75 14.24 -20.63
N ALA B 285 -4.16 14.24 -19.36
CA ALA B 285 -5.50 14.59 -18.97
C ALA B 285 -5.82 16.04 -19.21
N SER B 286 -4.79 16.90 -19.24
CA SER B 286 -5.08 18.30 -19.52
C SER B 286 -5.57 18.46 -20.98
N ARG B 287 -5.53 17.41 -21.79
CA ARG B 287 -6.06 17.54 -23.16
C ARG B 287 -7.56 17.54 -23.18
N PHE B 288 -8.21 17.23 -22.06
CA PHE B 288 -9.69 17.12 -22.17
C PHE B 288 -10.37 17.59 -20.90
N TYR B 289 -9.64 17.50 -19.78
CA TYR B 289 -10.25 17.73 -18.50
C TYR B 289 -10.00 19.18 -18.12
N LEU B 290 -11.11 19.90 -17.96
CA LEU B 290 -11.16 21.35 -17.70
C LEU B 290 -11.11 21.70 -16.24
N GLY B 291 -11.69 20.84 -15.40
CA GLY B 291 -11.53 21.04 -13.97
C GLY B 291 -12.77 20.57 -13.28
N GLY B 292 -12.95 20.96 -12.03
CA GLY B 292 -14.08 20.45 -11.29
C GLY B 292 -14.31 21.30 -10.08
N VAL B 293 -15.48 21.09 -9.49
CA VAL B 293 -15.89 21.74 -8.24
C VAL B 293 -16.12 20.65 -7.12
N VAL B 294 -15.51 20.81 -5.95
CA VAL B 294 -15.85 19.93 -4.81
C VAL B 294 -16.83 20.73 -4.00
N SER B 295 -18.12 20.45 -4.18
CA SER B 295 -19.14 21.24 -3.49
C SER B 295 -19.50 20.60 -2.16
N TYR B 296 -18.65 20.81 -1.18
CA TYR B 296 -18.79 20.05 0.03
C TYR B 296 -19.76 20.61 1.05
N SER B 297 -20.13 21.88 0.91
CA SER B 297 -21.10 22.50 1.79
C SER B 297 -22.32 22.98 0.97
N VAL B 298 -23.39 23.29 1.69
CA VAL B 298 -24.58 23.96 1.12
C VAL B 298 -24.30 25.36 0.46
N GLY B 299 -23.48 26.16 1.08
CA GLY B 299 -22.98 27.41 0.41
C GLY B 299 -22.29 27.14 -0.92
N ALA B 300 -21.36 26.17 -0.96
CA ALA B 300 -20.70 25.79 -2.24
C ALA B 300 -21.66 25.29 -3.33
N LYS B 301 -22.71 24.56 -2.93
CA LYS B 301 -23.57 23.93 -3.97
C LYS B 301 -24.38 25.07 -4.65
N ALA B 302 -24.97 25.93 -3.85
CA ALA B 302 -25.73 27.11 -4.32
C ALA B 302 -24.88 28.00 -5.22
N ARG B 303 -23.70 28.36 -4.73
CA ARG B 303 -22.75 29.20 -5.44
C ARG B 303 -22.39 28.70 -6.81
N PHE B 304 -22.31 27.40 -7.01
CA PHE B 304 -21.88 26.89 -8.24
C PHE B 304 -23.01 26.26 -9.09
N GLY B 305 -24.25 26.51 -8.71
CA GLY B 305 -25.32 26.30 -9.69
C GLY B 305 -26.43 25.30 -9.37
N VAL B 306 -26.42 24.71 -8.20
CA VAL B 306 -27.46 23.74 -7.83
C VAL B 306 -28.61 24.55 -7.29
N PRO B 307 -29.85 24.35 -7.81
CA PRO B 307 -31.00 25.16 -7.35
C PRO B 307 -31.16 25.13 -5.85
N GLN B 308 -31.60 26.24 -5.23
CA GLN B 308 -31.98 26.27 -3.83
C GLN B 308 -32.94 25.12 -3.45
N ASP B 309 -34.08 25.03 -4.14
CA ASP B 309 -35.12 24.00 -3.97
C ASP B 309 -34.52 22.57 -3.70
N LEU B 310 -33.29 22.30 -4.15
CA LEU B 310 -32.71 20.95 -4.06
C LEU B 310 -31.65 20.72 -2.93
N LEU B 311 -31.32 21.77 -2.16
CA LEU B 311 -30.17 21.75 -1.21
C LEU B 311 -30.37 20.93 0.08
N SER B 312 -31.61 20.82 0.52
CA SER B 312 -31.97 19.97 1.64
C SER B 312 -32.23 18.50 1.22
N ARG B 313 -32.15 18.18 -0.07
CA ARG B 313 -32.31 16.79 -0.51
C ARG B 313 -31.15 16.30 -1.42
N THR B 314 -29.98 16.15 -0.77
CA THR B 314 -28.78 15.75 -1.47
C THR B 314 -28.66 14.28 -1.89
N VAL B 315 -29.43 13.42 -1.26
CA VAL B 315 -29.38 12.02 -1.67
C VAL B 315 -30.55 11.78 -2.61
N SER B 316 -30.34 12.03 -3.90
CA SER B 316 -31.42 11.98 -4.88
C SER B 316 -30.83 12.10 -6.25
N ALA B 317 -31.45 11.39 -7.17
CA ALA B 317 -31.24 11.51 -8.60
C ALA B 317 -31.32 12.95 -9.12
N GLU B 318 -32.28 13.71 -8.60
CA GLU B 318 -32.54 15.14 -9.02
C GLU B 318 -31.32 16.03 -8.72
N THR B 319 -30.80 15.91 -7.52
CA THR B 319 -29.55 16.52 -7.14
C THR B 319 -28.35 16.11 -7.98
N ALA B 320 -28.18 14.83 -8.34
CA ALA B 320 -27.00 14.44 -9.07
C ALA B 320 -27.06 14.94 -10.52
N ARG B 321 -28.25 14.95 -11.11
CA ARG B 321 -28.47 15.55 -12.45
C ARG B 321 -28.19 17.07 -12.42
N ALA B 322 -28.70 17.78 -11.42
CA ALA B 322 -28.51 19.23 -11.28
C ALA B 322 -27.03 19.62 -11.10
N MET B 323 -26.26 18.74 -10.45
CA MET B 323 -24.85 18.99 -10.17
C MET B 323 -24.09 18.77 -11.44
N ALA B 324 -24.40 17.69 -12.17
CA ALA B 324 -23.73 17.41 -13.44
C ALA B 324 -24.04 18.56 -14.46
N GLU B 325 -25.27 19.09 -14.43
CA GLU B 325 -25.70 20.18 -15.35
C GLU B 325 -25.04 21.50 -14.96
N ALA B 326 -24.86 21.66 -13.65
CA ALA B 326 -24.21 22.84 -13.12
C ALA B 326 -22.76 22.91 -13.57
N ALA B 327 -22.05 21.75 -13.61
CA ALA B 327 -20.65 21.75 -13.88
C ALA B 327 -20.46 21.92 -15.38
N ARG B 328 -21.37 21.32 -16.14
CA ARG B 328 -21.20 21.36 -17.56
C ARG B 328 -21.40 22.80 -18.05
N SER B 329 -22.28 23.55 -17.38
CA SER B 329 -22.60 24.91 -17.82
C SER B 329 -21.62 25.96 -17.29
N LEU B 330 -21.16 25.79 -16.05
CA LEU B 330 -20.03 26.51 -15.48
C LEU B 330 -18.73 26.43 -16.28
N PHE B 331 -18.35 25.22 -16.71
CA PHE B 331 -17.06 25.00 -17.30
C PHE B 331 -17.20 25.10 -18.82
N GLY B 332 -18.39 24.81 -19.35
CA GLY B 332 -18.58 24.72 -20.76
C GLY B 332 -18.04 23.46 -21.39
N SER B 333 -18.02 22.34 -20.65
CA SER B 333 -17.44 21.11 -21.23
C SER B 333 -18.43 20.35 -22.13
N THR B 334 -17.94 19.51 -23.03
CA THR B 334 -18.88 18.66 -23.73
C THR B 334 -19.76 17.84 -22.71
N TYR B 335 -19.07 17.28 -21.72
CA TYR B 335 -19.60 16.29 -20.81
C TYR B 335 -19.26 16.70 -19.39
N ALA B 336 -20.12 16.32 -18.45
CA ALA B 336 -19.82 16.57 -17.04
C ALA B 336 -20.34 15.47 -16.14
N LEU B 337 -19.52 15.07 -15.16
CA LEU B 337 -19.82 14.01 -14.17
C LEU B 337 -20.07 14.59 -12.79
N ALA B 338 -21.03 13.99 -12.09
CA ALA B 338 -21.42 14.37 -10.71
C ALA B 338 -21.59 13.14 -9.77
N THR B 339 -21.21 13.31 -8.49
CA THR B 339 -21.34 12.23 -7.50
C THR B 339 -21.99 12.83 -6.32
N THR B 340 -23.08 12.22 -5.87
CA THR B 340 -23.78 12.60 -4.62
C THR B 340 -24.33 11.39 -3.83
N GLY B 341 -24.40 11.49 -2.48
CA GLY B 341 -24.96 10.40 -1.67
C GLY B 341 -24.30 10.23 -0.29
N VAL B 342 -24.21 8.98 0.21
CA VAL B 342 -23.83 8.69 1.65
C VAL B 342 -22.61 7.79 1.67
N ALA B 343 -21.48 8.35 2.10
CA ALA B 343 -20.23 7.60 2.13
C ALA B 343 -20.17 6.65 3.31
N GLY B 344 -20.78 7.05 4.44
CA GLY B 344 -20.49 6.47 5.76
C GLY B 344 -19.53 7.35 6.54
N PRO B 345 -19.47 7.18 7.87
CA PRO B 345 -20.12 6.05 8.56
C PRO B 345 -21.61 6.24 8.83
N ASP B 346 -22.07 7.50 8.86
CA ASP B 346 -23.41 7.82 9.29
C ASP B 346 -24.44 7.76 8.13
N PRO B 347 -25.70 7.47 8.46
CA PRO B 347 -26.66 7.55 7.40
C PRO B 347 -27.00 9.04 7.15
N LEU B 348 -27.68 9.35 6.05
CA LEU B 348 -28.03 10.70 5.75
C LEU B 348 -29.38 10.70 5.12
N GLU B 349 -30.24 11.61 5.57
CA GLU B 349 -31.57 11.84 4.99
C GLU B 349 -32.35 10.52 4.93
N GLY B 350 -32.16 9.72 5.97
CA GLY B 350 -32.90 8.49 6.11
C GLY B 350 -32.37 7.43 5.18
N GLU B 351 -31.30 7.75 4.46
CA GLU B 351 -30.65 6.74 3.62
C GLU B 351 -29.34 6.23 4.29
N PRO B 352 -28.99 4.95 4.07
CA PRO B 352 -27.78 4.29 4.61
C PRO B 352 -26.52 4.53 3.80
N PRO B 353 -25.35 4.38 4.44
CA PRO B 353 -24.03 4.38 3.79
C PRO B 353 -23.98 3.51 2.53
N GLY B 354 -23.34 3.98 1.46
CA GLY B 354 -23.38 3.26 0.19
C GLY B 354 -24.55 3.67 -0.77
N THR B 355 -25.52 4.47 -0.33
CA THR B 355 -26.62 4.94 -1.24
C THR B 355 -26.04 6.07 -2.10
N VAL B 356 -25.74 5.79 -3.35
CA VAL B 356 -25.02 6.78 -4.18
C VAL B 356 -25.79 7.07 -5.48
N TYR B 357 -25.83 8.34 -5.91
CA TYR B 357 -26.27 8.66 -7.34
C TYR B 357 -25.09 9.25 -8.15
N VAL B 358 -24.78 8.69 -9.31
CA VAL B 358 -23.80 9.29 -10.23
C VAL B 358 -24.57 9.79 -11.47
N ALA B 359 -24.17 10.96 -11.98
CA ALA B 359 -24.81 11.51 -13.15
C ALA B 359 -23.80 11.92 -14.24
N LEU B 360 -24.24 11.74 -15.49
CA LEU B 360 -23.55 12.26 -16.69
C LEU B 360 -24.47 13.24 -17.43
N ALA B 361 -23.98 14.50 -17.59
CA ALA B 361 -24.71 15.45 -18.42
C ALA B 361 -23.87 15.65 -19.71
N GLY B 362 -24.51 15.56 -20.90
CA GLY B 362 -23.83 15.74 -22.19
C GLY B 362 -24.73 16.46 -23.19
N PRO B 363 -24.32 16.51 -24.49
CA PRO B 363 -25.06 17.25 -25.47
C PRO B 363 -26.54 16.83 -25.47
N THR B 364 -26.82 15.51 -25.52
CA THR B 364 -28.23 15.02 -25.67
C THR B 364 -29.03 14.89 -24.38
N GLY B 365 -28.46 15.28 -23.26
CA GLY B 365 -29.23 15.40 -21.99
C GLY B 365 -28.49 14.73 -20.81
N ALA B 366 -29.16 14.55 -19.68
CA ALA B 366 -28.49 13.97 -18.53
C ALA B 366 -28.92 12.49 -18.31
N GLU B 367 -28.02 11.67 -17.74
CA GLU B 367 -28.44 10.37 -17.13
C GLU B 367 -27.97 10.16 -15.69
N VAL B 368 -28.82 9.54 -14.86
CA VAL B 368 -28.49 9.21 -13.47
C VAL B 368 -28.54 7.69 -13.20
N ARG B 369 -27.59 7.17 -12.41
CA ARG B 369 -27.59 5.75 -11.99
C ARG B 369 -27.56 5.68 -10.44
N ARG B 370 -28.51 4.94 -9.85
CA ARG B 370 -28.56 4.76 -8.37
C ARG B 370 -27.71 3.48 -8.07
N TYR B 371 -26.92 3.53 -7.02
CA TYR B 371 -26.17 2.36 -6.56
C TYR B 371 -26.39 2.17 -5.08
N ARG B 372 -26.15 0.95 -4.60
CA ARG B 372 -26.18 0.67 -3.18
C ARG B 372 -24.91 -0.14 -2.93
N PHE B 373 -23.85 0.57 -2.55
CA PHE B 373 -22.54 0.00 -2.49
C PHE B 373 -22.29 -0.59 -1.12
N PRO B 374 -21.63 -1.76 -1.07
CA PRO B 374 -21.06 -2.27 0.20
C PRO B 374 -19.68 -1.63 0.49
N GLY B 375 -19.35 -1.49 1.77
CA GLY B 375 -17.99 -1.21 2.16
C GLY B 375 -17.96 -0.05 3.11
N ASP B 376 -16.79 0.21 3.67
CA ASP B 376 -16.58 1.34 4.60
C ASP B 376 -16.53 2.72 3.82
N ARG B 377 -16.44 3.83 4.55
CA ARG B 377 -16.34 5.18 3.97
C ARG B 377 -15.48 5.26 2.70
N GLU B 378 -14.23 4.83 2.80
CA GLU B 378 -13.28 5.06 1.75
C GLU B 378 -13.57 4.13 0.60
N THR B 379 -14.02 2.91 0.90
CA THR B 379 -14.41 2.00 -0.18
C THR B 379 -15.67 2.56 -0.94
N VAL B 380 -16.61 3.17 -0.26
CA VAL B 380 -17.80 3.65 -0.95
C VAL B 380 -17.41 4.84 -1.86
N ARG B 381 -16.66 5.79 -1.30
CA ARG B 381 -16.01 6.84 -2.11
C ARG B 381 -15.34 6.32 -3.37
N LEU B 382 -14.46 5.32 -3.23
CA LEU B 382 -13.81 4.72 -4.41
C LEU B 382 -14.78 4.15 -5.44
N ARG B 383 -15.78 3.38 -4.98
CA ARG B 383 -16.64 2.72 -5.94
C ARG B 383 -17.47 3.82 -6.67
N SER B 384 -17.85 4.88 -5.93
CA SER B 384 -18.60 5.99 -6.55
C SER B 384 -17.84 6.60 -7.75
N VAL B 385 -16.54 6.75 -7.59
CA VAL B 385 -15.70 7.38 -8.58
C VAL B 385 -15.70 6.48 -9.79
N TYR B 386 -15.50 5.18 -9.59
CA TYR B 386 -15.49 4.29 -10.71
C TYR B 386 -16.83 4.21 -11.42
N ALA B 387 -17.92 4.23 -10.64
CA ALA B 387 -19.32 4.26 -11.22
C ALA B 387 -19.56 5.55 -12.04
N ALA B 388 -19.18 6.72 -11.50
CA ALA B 388 -19.19 7.92 -12.32
C ALA B 388 -18.41 7.70 -13.67
N LEU B 389 -17.16 7.24 -13.61
CA LEU B 389 -16.41 7.01 -14.87
C LEU B 389 -17.11 6.00 -15.80
N ALA B 390 -17.74 5.00 -15.20
CA ALA B 390 -18.42 3.96 -16.01
C ALA B 390 -19.58 4.52 -16.87
N LEU B 391 -20.25 5.60 -16.41
CA LEU B 391 -21.33 6.23 -17.24
C LEU B 391 -20.81 6.54 -18.64
N LEU B 392 -19.48 6.69 -18.79
CA LEU B 392 -18.87 7.05 -20.09
C LEU B 392 -18.29 5.93 -20.88
N VAL B 393 -18.05 4.76 -20.28
CA VAL B 393 -17.29 3.74 -20.97
C VAL B 393 -17.96 2.37 -21.01
N THR B 394 -19.12 2.25 -20.38
CA THR B 394 -19.90 1.02 -20.37
C THR B 394 -21.30 1.36 -20.85
PG ATP C . -8.49 -24.73 7.31
O1G ATP C . -8.52 -26.16 6.80
O2G ATP C . -8.29 -23.74 6.16
O3G ATP C . -9.66 -24.34 8.24
PB ATP C . -5.53 -24.39 7.75
O1B ATP C . -4.59 -24.15 8.94
O2B ATP C . -5.02 -25.42 6.72
O3B ATP C . -7.11 -24.69 8.26
PA ATP C . -5.19 -22.70 5.39
O1A ATP C . -3.78 -22.15 5.60
O2A ATP C . -5.36 -23.90 4.43
O3A ATP C . -5.78 -23.00 6.89
O5' ATP C . -6.24 -21.55 4.88
C5' ATP C . -6.10 -20.26 5.41
C4' ATP C . -7.26 -19.33 5.10
O4' ATP C . -7.31 -18.42 6.21
C3' ATP C . -6.87 -18.46 3.93
O3' ATP C . -7.53 -18.96 2.77
C2' ATP C . -7.08 -17.00 4.39
O2' ATP C . -8.44 -16.51 4.50
C1' ATP C . -6.70 -17.17 5.86
N9 ATP C . -5.20 -17.18 6.03
C8 ATP C . -4.35 -18.24 5.88
N7 ATP C . -3.07 -17.92 6.12
C5 ATP C . -3.05 -16.61 6.44
C6 ATP C . -2.00 -15.61 6.79
N6 ATP C . -0.70 -16.02 6.88
N1 ATP C . -2.41 -14.32 7.04
C2 ATP C . -3.74 -13.94 6.99
N3 ATP C . -4.76 -14.80 6.67
C4 ATP C . -4.46 -16.11 6.37
C1 GOL D . 2.25 18.80 -15.69
O1 GOL D . 1.83 18.58 -14.29
C2 GOL D . 2.89 17.54 -16.26
O2 GOL D . 4.25 17.49 -15.85
C3 GOL D . 2.79 17.36 -17.80
O3 GOL D . 3.40 16.06 -18.12
S SO4 E . -18.67 14.23 6.62
O1 SO4 E . -18.83 15.28 7.62
O2 SO4 E . -18.36 12.93 7.30
O3 SO4 E . -17.49 14.39 5.72
O4 SO4 E . -19.80 14.10 5.71
S SO4 F . -8.44 -24.79 31.39
O1 SO4 F . -7.42 -24.15 32.31
O2 SO4 F . -9.29 -23.71 30.79
O3 SO4 F . -9.41 -25.62 32.18
O4 SO4 F . -7.75 -25.58 30.30
C1 GOL G . -0.37 21.20 -13.19
O1 GOL G . 0.07 22.28 -12.28
C2 GOL G . -1.01 21.69 -14.51
O2 GOL G . -2.32 22.35 -14.36
C3 GOL G . -1.18 20.51 -15.44
O3 GOL G . -2.43 20.74 -16.14
C1 GOL H . 8.83 15.04 3.53
O1 GOL H . 9.27 16.30 4.08
C2 GOL H . 9.70 13.83 3.91
O2 GOL H . 11.07 14.16 3.58
C3 GOL H . 9.23 12.54 3.17
O3 GOL H . 9.76 11.18 3.54
NA NA I . -1.09 11.01 6.75
PG ATP J . 14.97 4.98 0.63
O1G ATP J . 16.06 5.64 1.39
O2G ATP J . 13.63 5.05 1.27
O3G ATP J . 14.94 5.20 -0.86
PB ATP J . 15.49 2.18 1.51
O1B ATP J . 15.88 0.93 0.79
O2B ATP J . 16.17 2.58 2.81
O3B ATP J . 15.36 3.38 0.44
PA ATP J . 13.51 1.69 3.49
O1A ATP J . 13.86 0.23 3.60
O2A ATP J . 14.01 2.67 4.54
O3A ATP J . 13.92 2.01 1.92
O5' ATP J . 11.98 1.93 3.56
C5' ATP J . 11.23 2.22 2.43
C4' ATP J . 9.90 2.77 2.78
O4' ATP J . 9.27 2.08 1.72
C3' ATP J . 9.22 2.22 4.05
O3' ATP J . 9.00 3.22 5.07
C2' ATP J . 7.87 1.73 3.55
O2' ATP J . 7.01 2.86 3.62
C1' ATP J . 8.10 1.36 2.10
N9 ATP J . 8.48 -0.10 2.01
C8 ATP J . 9.70 -0.64 2.35
N7 ATP J . 9.73 -1.99 2.18
C5 ATP J . 8.50 -2.34 1.73
C6 ATP J . 7.85 -3.60 1.40
N6 ATP J . 8.54 -4.77 1.47
N1 ATP J . 6.59 -3.57 0.95
C2 ATP J . 5.90 -2.40 0.86
N3 ATP J . 6.43 -1.20 1.20
C4 ATP J . 7.70 -1.11 1.60
MG MG K . 15.91 3.06 4.82
S SO4 L . -1.47 16.35 -17.94
O1 SO4 L . -0.95 17.61 -17.39
O2 SO4 L . -1.91 16.44 -19.35
O3 SO4 L . -2.71 16.06 -17.12
O4 SO4 L . -0.50 15.25 -17.94
C1 GOL M . -19.67 -3.24 -9.34
O1 GOL M . -19.13 -3.70 -10.56
C2 GOL M . -18.42 -2.80 -8.66
O2 GOL M . -17.91 -3.84 -7.82
C3 GOL M . -18.73 -1.55 -7.85
O3 GOL M . -17.49 -1.14 -7.28
C1 GOL N . -21.77 11.00 7.15
O1 GOL N . -20.94 10.25 8.08
C2 GOL N . -21.63 10.50 5.70
O2 GOL N . -22.26 9.21 5.45
C3 GOL N . -22.14 11.53 4.70
O3 GOL N . -21.67 11.12 3.37
NA NA O . -9.81 21.56 -4.33
#